data_5E5U
#
_entry.id   5E5U
#
_cell.length_a   78.641
_cell.length_b   113.530
_cell.length_c   117.046
_cell.angle_alpha   90.000
_cell.angle_beta   90.000
_cell.angle_gamma   90.000
#
_symmetry.space_group_name_H-M   'P 21 21 21'
#
loop_
_entity.id
_entity.type
_entity.pdbx_description
1 polymer 'Receptor-type tyrosine-protein phosphatase gamma'
2 polymer Contactin-6
3 non-polymer 3-PYRIDINIUM-1-YLPROPANE-1-SULFONATE
4 non-polymer 'FORMIC ACID'
5 non-polymer 'MALONATE ION'
6 non-polymer 'ACETIC ACID'
7 non-polymer D-MALATE
8 water water
#
loop_
_entity_poly.entity_id
_entity_poly.type
_entity_poly.pdbx_seq_one_letter_code
_entity_poly.pdbx_strand_id
1 'polypeptide(L)'
;DPYWAYSGAYGPEHWVTSSVSCGGSHQSPIDILDHHARVGDEYQELQLDGFDNESSNKTWMKNTGKTVAILLKDDYFVSG
AGLPGRFKAEKVEFHWGHSNGSAGSEHSVNGRRFPVEMQIFFYNPDDFDSFQTAISENRIIGAMAIFFQVSPRDNSALDP
IIHGLKGVVHHEKETFLDPFILRDLLPASLGSYYRYTGSLTTPPCSEIVEWIVFRRPVPISYHQLEAFYSIFTTEQQDHV
KSVEYLRNNFRPQQALNDRVVSKS
;
A,C
2 'polypeptide(L)'
;SAYIEDFETKTRSTVSVREGQGVVLLCGPPPHFGELSYAWTFNDSPLYVQEDKRRFVSQDTGNLYFAKVEPSDVGNYTCF
VTNKEAHRSVQGPPTPLVLRTDGVMGEYEPKIEVRFPETIQAAKDSSIKLECFALGNPVPDISWKRLDGSPMPGKIKYSK
SQAILEIPKFQQEDEGFYECIAGNLRGRNLAKGQLIFYA
;
B,D
#
# COMPACT_ATOMS: atom_id res chain seq x y z
N ASP A 1 -5.79 -1.96 -2.41
CA ASP A 1 -5.38 -1.11 -1.30
C ASP A 1 -4.19 -0.21 -1.66
N PRO A 2 -4.47 0.97 -2.21
CA PRO A 2 -3.45 1.95 -2.56
C PRO A 2 -2.85 2.61 -1.33
N TYR A 3 -1.59 3.05 -1.42
CA TYR A 3 -0.99 3.82 -0.35
C TYR A 3 -1.62 5.21 -0.28
N TRP A 4 -1.79 5.69 0.95
CA TRP A 4 -2.33 7.01 1.16
C TRP A 4 -1.79 7.56 2.46
N ALA A 5 -1.80 8.88 2.59
CA ALA A 5 -1.27 9.53 3.78
C ALA A 5 -2.18 10.69 4.15
N TYR A 6 -1.94 11.29 5.31
CA TYR A 6 -2.79 12.39 5.76
C TYR A 6 -2.24 13.74 5.29
N SER A 7 -1.04 13.73 4.73
CA SER A 7 -0.41 14.95 4.22
C SER A 7 0.60 14.62 3.15
N GLY A 8 1.08 15.63 2.44
CA GLY A 8 2.12 15.44 1.46
C GLY A 8 1.65 14.77 0.18
N ALA A 9 2.56 14.07 -0.49
CA ALA A 9 2.36 13.65 -1.87
C ALA A 9 1.16 12.72 -2.04
N TYR A 10 0.91 11.86 -1.07
CA TYR A 10 -0.25 10.97 -1.16
C TYR A 10 -1.35 11.39 -0.18
N GLY A 11 -1.42 12.68 0.09
CA GLY A 11 -2.39 13.21 1.04
C GLY A 11 -3.80 13.27 0.49
N PRO A 12 -4.76 13.78 1.29
CA PRO A 12 -6.20 13.78 0.98
C PRO A 12 -6.61 14.28 -0.42
N GLU A 13 -5.96 15.32 -0.94
CA GLU A 13 -6.33 15.83 -2.26
C GLU A 13 -5.81 14.93 -3.38
N HIS A 14 -4.92 13.99 -3.05
CA HIS A 14 -4.43 13.02 -4.02
C HIS A 14 -5.17 11.68 -3.93
N TRP A 15 -5.93 11.47 -2.87
CA TRP A 15 -6.65 10.20 -2.68
C TRP A 15 -7.48 9.77 -3.89
N VAL A 16 -8.18 10.73 -4.51
CA VAL A 16 -9.05 10.44 -5.65
C VAL A 16 -8.33 9.71 -6.80
N THR A 17 -7.03 9.98 -6.96
CA THR A 17 -6.26 9.38 -8.05
C THR A 17 -6.33 7.85 -8.03
N SER A 18 -6.19 7.26 -6.85
CA SER A 18 -6.17 5.81 -6.74
C SER A 18 -7.46 5.23 -6.19
N SER A 19 -8.28 6.07 -5.57
CA SER A 19 -9.60 5.66 -5.13
C SER A 19 -10.61 6.72 -5.57
N VAL A 20 -11.23 6.50 -6.72
CA VAL A 20 -12.06 7.52 -7.34
C VAL A 20 -13.27 7.91 -6.49
N SER A 21 -13.67 7.05 -5.56
CA SER A 21 -14.80 7.35 -4.69
C SER A 21 -14.47 8.51 -3.74
N CYS A 22 -13.17 8.73 -3.52
CA CYS A 22 -12.75 9.79 -2.61
C CYS A 22 -13.10 11.17 -3.15
N GLY A 23 -13.40 11.25 -4.43
CA GLY A 23 -13.83 12.49 -5.05
C GLY A 23 -15.34 12.61 -5.15
N GLY A 24 -16.06 11.78 -4.41
CA GLY A 24 -17.51 11.77 -4.42
C GLY A 24 -18.16 12.99 -3.79
N SER A 25 -19.49 13.05 -3.87
CA SER A 25 -20.22 14.20 -3.35
C SER A 25 -20.97 13.90 -2.07
N HIS A 26 -20.85 12.66 -1.59
CA HIS A 26 -21.43 12.30 -0.29
C HIS A 26 -20.33 11.84 0.67
N GLN A 27 -19.23 12.60 0.71
CA GLN A 27 -18.09 12.20 1.51
C GLN A 27 -18.23 12.58 2.98
N SER A 28 -17.39 11.96 3.81
CA SER A 28 -17.27 12.28 5.22
C SER A 28 -15.80 12.61 5.48
N PRO A 29 -15.52 13.41 6.52
CA PRO A 29 -16.41 14.00 7.54
C PRO A 29 -17.03 15.32 7.11
N ILE A 30 -17.94 15.84 7.95
CA ILE A 30 -18.59 17.14 7.70
C ILE A 30 -18.65 17.98 8.96
N ASP A 31 -18.92 19.27 8.79
CA ASP A 31 -19.31 20.14 9.88
C ASP A 31 -20.84 20.11 9.96
N ILE A 32 -21.37 19.90 11.16
CA ILE A 32 -22.82 19.88 11.34
C ILE A 32 -23.32 21.22 11.86
N LEU A 33 -24.04 21.97 11.02
CA LEU A 33 -24.71 23.19 11.46
C LEU A 33 -26.06 22.82 12.05
N ASP A 34 -26.18 22.93 13.37
CA ASP A 34 -27.36 22.43 14.06
C ASP A 34 -28.66 23.07 13.59
N HIS A 35 -28.63 24.36 13.30
CA HIS A 35 -29.82 25.08 12.90
C HIS A 35 -30.32 24.66 11.51
N HIS A 36 -29.51 23.89 10.79
CA HIS A 36 -29.95 23.39 9.49
C HIS A 36 -30.33 21.91 9.57
N ALA A 37 -30.16 21.31 10.74
CA ALA A 37 -30.51 19.91 10.92
C ALA A 37 -32.03 19.75 10.94
N ARG A 38 -32.52 18.68 10.31
CA ARG A 38 -33.94 18.36 10.28
C ARG A 38 -34.28 17.48 11.49
N VAL A 39 -35.39 17.76 12.15
CA VAL A 39 -35.75 16.99 13.35
C VAL A 39 -36.43 15.68 12.99
N GLY A 40 -35.70 14.58 13.22
CA GLY A 40 -36.18 13.25 12.87
C GLY A 40 -37.27 12.75 13.81
N ASP A 41 -38.49 13.20 13.56
CA ASP A 41 -39.64 12.87 14.41
C ASP A 41 -40.10 11.43 14.27
N GLU A 42 -39.56 10.72 13.29
CA GLU A 42 -39.99 9.36 13.00
C GLU A 42 -39.06 8.33 13.65
N TYR A 43 -37.99 8.81 14.26
CA TYR A 43 -36.98 7.94 14.85
C TYR A 43 -37.50 7.10 16.02
N GLN A 44 -37.22 5.80 15.97
CA GLN A 44 -37.34 4.96 17.15
C GLN A 44 -36.11 5.24 18.00
N GLU A 45 -36.29 5.28 19.33
CA GLU A 45 -35.20 5.64 20.24
C GLU A 45 -33.99 4.71 20.13
N LEU A 46 -32.80 5.31 20.20
CA LEU A 46 -31.54 4.56 20.15
C LEU A 46 -31.49 3.47 21.21
N GLN A 47 -31.27 2.23 20.78
CA GLN A 47 -31.14 1.10 21.69
C GLN A 47 -29.75 0.48 21.58
N LEU A 48 -29.09 0.34 22.71
CA LEU A 48 -27.77 -0.28 22.76
C LEU A 48 -27.86 -1.62 23.46
N ASP A 49 -27.10 -2.60 22.98
CA ASP A 49 -27.11 -3.93 23.60
C ASP A 49 -25.68 -4.43 23.83
N GLY A 50 -25.41 -4.86 25.05
CA GLY A 50 -24.12 -5.42 25.38
C GLY A 50 -23.08 -4.37 25.75
N PHE A 51 -23.40 -3.11 25.51
CA PHE A 51 -22.51 -1.98 25.79
C PHE A 51 -22.15 -1.87 27.26
N ASP A 52 -23.00 -2.42 28.14
CA ASP A 52 -22.81 -2.34 29.59
C ASP A 52 -21.96 -3.50 30.14
N ASN A 53 -21.64 -4.48 29.30
CA ASN A 53 -20.89 -5.64 29.75
C ASN A 53 -19.38 -5.42 29.59
N GLU A 54 -18.60 -6.01 30.49
CA GLU A 54 -17.15 -5.91 30.43
C GLU A 54 -16.60 -6.58 29.17
N SER A 55 -15.65 -5.94 28.51
CA SER A 55 -15.06 -6.52 27.31
C SER A 55 -14.16 -7.68 27.68
N SER A 56 -14.10 -8.68 26.80
CA SER A 56 -13.26 -9.85 26.99
C SER A 56 -11.78 -9.51 26.88
N ASN A 57 -10.93 -10.34 27.47
CA ASN A 57 -9.50 -10.09 27.44
C ASN A 57 -8.87 -10.45 26.10
N LYS A 58 -9.68 -10.99 25.19
CA LYS A 58 -9.23 -11.27 23.82
C LYS A 58 -9.34 -10.02 22.93
N THR A 59 -10.02 -8.99 23.44
CA THR A 59 -10.10 -7.71 22.75
C THR A 59 -8.72 -7.11 22.66
N TRP A 60 -8.34 -6.61 21.49
CA TRP A 60 -6.99 -6.12 21.34
C TRP A 60 -6.88 -4.85 20.51
N MET A 61 -5.71 -4.23 20.62
CA MET A 61 -5.46 -2.91 20.08
C MET A 61 -4.24 -2.96 19.15
N LYS A 62 -4.28 -2.19 18.07
CA LYS A 62 -3.17 -2.18 17.11
C LYS A 62 -2.82 -0.76 16.68
N ASN A 63 -1.53 -0.48 16.55
CA ASN A 63 -1.08 0.76 15.92
C ASN A 63 -0.91 0.48 14.42
N THR A 64 -1.80 1.02 13.58
CA THR A 64 -1.74 0.69 12.15
C THR A 64 -0.83 1.65 11.42
N GLY A 65 -0.31 2.65 12.13
CA GLY A 65 0.50 3.66 11.49
C GLY A 65 -0.32 4.85 11.01
N LYS A 66 -1.64 4.68 10.89
CA LYS A 66 -2.53 5.80 10.53
C LYS A 66 -3.48 6.15 11.67
N THR A 67 -3.68 5.18 12.55
CA THR A 67 -4.58 5.32 13.68
C THR A 67 -4.24 4.22 14.68
N VAL A 68 -4.93 4.25 15.82
CA VAL A 68 -4.87 3.13 16.73
C VAL A 68 -6.24 2.47 16.65
N ALA A 69 -6.25 1.17 16.36
CA ALA A 69 -7.48 0.44 16.14
C ALA A 69 -7.76 -0.54 17.28
N ILE A 70 -9.01 -0.69 17.65
CA ILE A 70 -9.42 -1.68 18.65
C ILE A 70 -10.33 -2.70 17.97
N LEU A 71 -9.93 -3.95 18.00
CA LEU A 71 -10.70 -5.01 17.38
C LEU A 71 -11.57 -5.67 18.44
N LEU A 72 -12.88 -5.48 18.34
CA LEU A 72 -13.79 -5.89 19.40
C LEU A 72 -14.10 -7.37 19.35
N LYS A 73 -14.04 -8.03 20.50
CA LYS A 73 -14.27 -9.47 20.53
C LYS A 73 -15.57 -9.83 21.24
N ASP A 74 -16.43 -8.84 21.47
CA ASP A 74 -17.72 -9.11 22.08
C ASP A 74 -18.87 -8.68 21.16
N ASP A 75 -20.05 -9.17 21.46
CA ASP A 75 -21.24 -8.78 20.71
C ASP A 75 -21.78 -7.47 21.24
N TYR A 76 -21.74 -6.44 20.40
CA TYR A 76 -22.37 -5.17 20.72
C TYR A 76 -23.34 -4.81 19.61
N PHE A 77 -24.55 -4.39 19.98
CA PHE A 77 -25.53 -4.01 18.98
C PHE A 77 -26.11 -2.62 19.18
N VAL A 78 -26.46 -1.99 18.07
CA VAL A 78 -27.17 -0.73 18.08
C VAL A 78 -28.34 -0.81 17.10
N SER A 79 -29.49 -0.27 17.50
CA SER A 79 -30.65 -0.27 16.61
C SER A 79 -31.46 1.01 16.82
N GLY A 80 -32.45 1.20 15.95
CA GLY A 80 -33.23 2.43 15.97
C GLY A 80 -32.46 3.60 15.39
N ALA A 81 -32.79 4.81 15.85
CA ALA A 81 -32.11 6.02 15.42
C ALA A 81 -32.10 6.16 13.91
N GLY A 82 -33.14 5.68 13.25
CA GLY A 82 -33.23 5.78 11.81
C GLY A 82 -32.25 4.88 11.09
N LEU A 83 -31.59 4.00 11.84
CA LEU A 83 -30.71 3.01 11.23
C LEU A 83 -31.54 1.90 10.60
N PRO A 84 -31.13 1.45 9.40
CA PRO A 84 -31.83 0.38 8.68
C PRO A 84 -31.52 -0.99 9.28
N GLY A 85 -32.26 -1.35 10.32
CA GLY A 85 -32.08 -2.62 10.97
C GLY A 85 -31.13 -2.55 12.15
N ARG A 86 -30.69 -3.72 12.60
CA ARG A 86 -29.85 -3.86 13.78
C ARG A 86 -28.38 -4.01 13.37
N PHE A 87 -27.51 -3.22 13.97
CA PHE A 87 -26.10 -3.23 13.60
C PHE A 87 -25.21 -3.73 14.72
N LYS A 88 -24.15 -4.43 14.35
CA LYS A 88 -23.22 -5.06 15.29
C LYS A 88 -21.85 -4.42 15.20
N ALA A 89 -21.23 -4.19 16.35
CA ALA A 89 -19.93 -3.53 16.40
C ALA A 89 -18.78 -4.45 15.96
N GLU A 90 -17.85 -3.88 15.21
CA GLU A 90 -16.68 -4.64 14.75
C GLU A 90 -15.40 -4.08 15.36
N LYS A 91 -15.18 -2.78 15.21
CA LYS A 91 -13.91 -2.21 15.62
C LYS A 91 -14.03 -0.74 15.98
N VAL A 92 -12.99 -0.21 16.61
CA VAL A 92 -12.93 1.20 16.99
C VAL A 92 -11.66 1.82 16.42
N GLU A 93 -11.75 3.05 15.92
CA GLU A 93 -10.55 3.78 15.50
C GLU A 93 -10.57 5.20 16.09
N PHE A 94 -9.41 5.85 16.17
CA PHE A 94 -9.30 7.14 16.83
C PHE A 94 -8.62 8.16 15.92
N HIS A 95 -8.96 9.44 16.12
CA HIS A 95 -8.32 10.55 15.42
C HIS A 95 -8.02 11.63 16.45
N TRP A 96 -6.83 12.20 16.38
CA TRP A 96 -6.43 13.16 17.39
C TRP A 96 -5.55 14.27 16.80
N GLY A 97 -5.25 15.28 17.60
CA GLY A 97 -4.51 16.44 17.16
C GLY A 97 -3.02 16.33 17.38
N HIS A 98 -2.44 17.40 17.91
CA HIS A 98 -1.00 17.56 17.96
C HIS A 98 -0.50 17.72 19.39
N SER A 99 -1.13 18.60 20.16
CA SER A 99 -0.66 18.92 21.50
C SER A 99 -1.66 19.80 22.20
N ASN A 100 -1.67 19.71 23.53
CA ASN A 100 -2.46 20.61 24.36
C ASN A 100 -3.93 20.64 23.93
N GLY A 101 -4.41 19.49 23.47
CA GLY A 101 -5.80 19.34 23.08
C GLY A 101 -6.18 20.08 21.81
N SER A 102 -5.20 20.35 20.96
CA SER A 102 -5.49 21.00 19.68
C SER A 102 -6.44 20.12 18.86
N ALA A 103 -7.17 20.75 17.94
CA ALA A 103 -8.24 20.08 17.20
C ALA A 103 -7.75 18.81 16.51
N GLY A 104 -8.49 17.74 16.68
CA GLY A 104 -8.12 16.48 16.11
C GLY A 104 -9.28 15.66 15.59
N SER A 105 -10.51 16.14 15.79
CA SER A 105 -11.68 15.38 15.34
C SER A 105 -11.87 15.52 13.83
N GLU A 106 -12.64 14.62 13.26
CA GLU A 106 -12.91 14.67 11.83
C GLU A 106 -14.17 15.51 11.63
N HIS A 107 -15.25 15.13 12.32
CA HIS A 107 -16.47 15.95 12.37
C HIS A 107 -16.38 17.15 13.28
N SER A 108 -17.35 18.04 13.14
CA SER A 108 -17.48 19.16 14.05
C SER A 108 -18.96 19.51 14.15
N VAL A 109 -19.31 20.25 15.20
CA VAL A 109 -20.67 20.74 15.36
C VAL A 109 -20.62 22.26 15.50
N ASN A 110 -21.44 22.95 14.70
CA ASN A 110 -21.37 24.41 14.61
C ASN A 110 -19.93 24.93 14.53
N GLY A 111 -19.06 24.21 13.84
CA GLY A 111 -17.69 24.63 13.64
C GLY A 111 -16.73 24.30 14.77
N ARG A 112 -17.22 23.65 15.83
CA ARG A 112 -16.35 23.32 16.96
C ARG A 112 -15.76 21.94 16.76
N ARG A 113 -14.44 21.90 16.68
CA ARG A 113 -13.73 20.64 16.62
C ARG A 113 -13.30 20.23 18.04
N PHE A 114 -12.93 18.96 18.20
CA PHE A 114 -12.66 18.40 19.52
C PHE A 114 -11.28 17.73 19.49
N PRO A 115 -10.69 17.54 20.67
CA PRO A 115 -9.32 16.99 20.75
C PRO A 115 -9.18 15.58 20.21
N VAL A 116 -10.23 14.77 20.33
CA VAL A 116 -10.20 13.40 19.83
C VAL A 116 -11.57 13.04 19.29
N GLU A 117 -11.60 12.25 18.23
CA GLU A 117 -12.83 11.64 17.77
C GLU A 117 -12.66 10.13 17.72
N MET A 118 -13.51 9.43 18.44
CA MET A 118 -13.53 7.99 18.43
C MET A 118 -14.67 7.53 17.51
N GLN A 119 -14.37 6.58 16.64
CA GLN A 119 -15.35 6.07 15.69
C GLN A 119 -15.54 4.56 15.86
N ILE A 120 -16.78 4.13 15.98
CA ILE A 120 -17.08 2.71 16.05
C ILE A 120 -17.83 2.25 14.80
N PHE A 121 -17.30 1.22 14.16
CA PHE A 121 -17.84 0.77 12.88
C PHE A 121 -18.71 -0.47 13.06
N PHE A 122 -19.83 -0.50 12.34
CA PHE A 122 -20.85 -1.54 12.49
C PHE A 122 -21.21 -2.20 11.18
N TYR A 123 -21.66 -3.45 11.24
CA TYR A 123 -22.28 -4.09 10.07
C TYR A 123 -23.60 -4.73 10.48
N ASN A 124 -24.53 -4.85 9.54
CA ASN A 124 -25.79 -5.54 9.80
C ASN A 124 -25.59 -7.05 9.56
N PRO A 125 -25.57 -7.84 10.65
CA PRO A 125 -25.27 -9.26 10.51
C PRO A 125 -26.43 -10.07 9.91
N ASP A 126 -27.61 -9.46 9.78
CA ASP A 126 -28.76 -10.13 9.16
C ASP A 126 -28.65 -10.18 7.64
N ASP A 127 -27.75 -9.37 7.09
CA ASP A 127 -27.61 -9.26 5.65
C ASP A 127 -26.26 -9.77 5.19
N PHE A 128 -25.28 -9.71 6.10
CA PHE A 128 -23.92 -10.12 5.79
C PHE A 128 -23.37 -10.97 6.94
N ASP A 129 -22.38 -11.82 6.66
CA ASP A 129 -21.87 -12.73 7.67
C ASP A 129 -20.75 -12.10 8.52
N SER A 130 -20.10 -11.08 7.98
CA SER A 130 -18.99 -10.43 8.65
C SER A 130 -18.88 -8.98 8.22
N PHE A 131 -18.09 -8.19 8.95
CA PHE A 131 -17.81 -6.82 8.57
C PHE A 131 -17.08 -6.76 7.24
N GLN A 132 -16.20 -7.74 7.02
CA GLN A 132 -15.39 -7.80 5.80
C GLN A 132 -16.27 -8.09 4.57
N THR A 133 -17.24 -8.99 4.75
CA THR A 133 -18.24 -9.25 3.72
C THR A 133 -19.00 -7.97 3.35
N ALA A 134 -19.45 -7.22 4.36
CA ALA A 134 -20.23 -5.99 4.11
C ALA A 134 -19.41 -4.96 3.33
N ILE A 135 -18.14 -4.82 3.70
CA ILE A 135 -17.26 -3.91 2.99
C ILE A 135 -17.12 -4.33 1.53
N SER A 136 -16.91 -5.63 1.30
CA SER A 136 -16.66 -6.12 -0.06
C SER A 136 -17.95 -6.12 -0.92
N GLU A 137 -19.11 -6.28 -0.27
CA GLU A 137 -20.38 -6.19 -0.96
C GLU A 137 -20.72 -4.73 -1.30
N ASN A 138 -20.06 -3.82 -0.60
CA ASN A 138 -20.09 -2.38 -0.89
C ASN A 138 -21.49 -1.76 -0.86
N ARG A 139 -22.32 -2.17 0.09
CA ARG A 139 -23.67 -1.64 0.14
C ARG A 139 -23.91 -0.67 1.31
N ILE A 140 -23.81 -1.15 2.55
CA ILE A 140 -24.10 -0.27 3.71
C ILE A 140 -23.53 -0.75 5.04
N ILE A 141 -22.84 0.15 5.73
CA ILE A 141 -22.38 -0.11 7.08
C ILE A 141 -22.79 1.04 7.99
N GLY A 142 -22.59 0.86 9.29
CA GLY A 142 -22.95 1.89 10.26
C GLY A 142 -21.71 2.41 10.96
N ALA A 143 -21.74 3.67 11.39
CA ALA A 143 -20.62 4.24 12.13
C ALA A 143 -21.09 5.25 13.19
N MET A 144 -20.51 5.11 14.38
CA MET A 144 -20.70 6.07 15.48
C MET A 144 -19.49 6.96 15.62
N ALA A 145 -19.72 8.27 15.76
CA ALA A 145 -18.65 9.19 16.07
C ALA A 145 -18.86 9.77 17.47
N ILE A 146 -17.83 9.66 18.30
CA ILE A 146 -17.85 10.20 19.66
C ILE A 146 -16.71 11.18 19.83
N PHE A 147 -17.02 12.37 20.33
CA PHE A 147 -16.01 13.36 20.65
C PHE A 147 -15.50 13.22 22.09
N PHE A 148 -14.22 13.50 22.31
CA PHE A 148 -13.69 13.71 23.66
C PHE A 148 -13.43 15.19 23.87
N GLN A 149 -13.58 15.68 25.10
CA GLN A 149 -13.23 17.07 25.38
C GLN A 149 -12.45 17.12 26.68
N VAL A 150 -11.48 18.03 26.73
CA VAL A 150 -10.60 18.15 27.87
C VAL A 150 -11.37 18.35 29.18
N SER A 151 -10.89 17.66 30.21
CA SER A 151 -11.44 17.72 31.55
C SER A 151 -10.30 17.90 32.54
N PRO A 152 -10.54 18.62 33.65
CA PRO A 152 -9.48 18.85 34.64
C PRO A 152 -8.98 17.57 35.30
N ARG A 153 -9.82 16.54 35.33
CA ARG A 153 -9.48 15.30 36.02
C ARG A 153 -9.46 14.13 35.07
N ASP A 154 -8.66 13.12 35.39
CA ASP A 154 -8.63 11.86 34.65
C ASP A 154 -10.03 11.27 34.60
N ASN A 155 -10.40 10.75 33.44
CA ASN A 155 -11.60 9.96 33.29
C ASN A 155 -11.24 8.48 33.46
N SER A 156 -11.51 7.92 34.63
CA SER A 156 -11.09 6.55 34.95
C SER A 156 -11.66 5.51 33.99
N ALA A 157 -12.81 5.82 33.39
CA ALA A 157 -13.44 4.87 32.47
C ALA A 157 -12.52 4.57 31.28
N LEU A 158 -11.61 5.50 30.99
CA LEU A 158 -10.71 5.36 29.84
C LEU A 158 -9.44 4.57 30.15
N ASP A 159 -9.24 4.21 31.42
CA ASP A 159 -7.97 3.66 31.85
C ASP A 159 -7.45 2.50 30.97
N PRO A 160 -8.31 1.52 30.59
CA PRO A 160 -7.76 0.45 29.77
C PRO A 160 -7.34 0.91 28.38
N ILE A 161 -8.02 1.94 27.86
CA ILE A 161 -7.68 2.46 26.55
C ILE A 161 -6.33 3.17 26.60
N ILE A 162 -6.17 4.07 27.58
CA ILE A 162 -4.94 4.83 27.79
C ILE A 162 -3.76 3.88 28.03
N HIS A 163 -3.95 2.90 28.91
CA HIS A 163 -2.94 1.87 29.14
C HIS A 163 -2.62 1.11 27.84
N GLY A 164 -3.66 0.81 27.07
CA GLY A 164 -3.46 0.23 25.75
C GLY A 164 -2.54 1.06 24.87
N LEU A 165 -2.80 2.37 24.78
CA LEU A 165 -1.95 3.25 23.95
C LEU A 165 -0.48 3.24 24.39
N LYS A 166 -0.26 3.13 25.70
CA LYS A 166 1.08 3.07 26.25
C LYS A 166 1.83 1.87 25.67
N GLY A 167 1.09 0.84 25.32
CA GLY A 167 1.69 -0.42 24.90
C GLY A 167 1.81 -0.59 23.40
N VAL A 168 1.30 0.36 22.63
CA VAL A 168 1.41 0.28 21.16
C VAL A 168 2.06 1.53 20.54
N VAL A 169 3.17 1.98 21.13
CA VAL A 169 3.80 3.21 20.69
C VAL A 169 4.22 3.20 19.22
N HIS A 170 4.79 2.08 18.73
CA HIS A 170 5.27 2.06 17.35
C HIS A 170 4.34 1.40 16.31
N HIS A 171 4.44 1.90 15.08
CA HIS A 171 3.82 1.32 13.89
C HIS A 171 3.87 -0.20 13.95
N GLU A 172 2.68 -0.81 13.91
CA GLU A 172 2.42 -2.26 13.90
C GLU A 172 2.45 -2.96 15.27
N LYS A 173 2.75 -2.26 16.36
CA LYS A 173 2.64 -2.90 17.67
C LYS A 173 1.18 -3.25 17.99
N GLU A 174 1.02 -4.30 18.77
CA GLU A 174 -0.29 -4.82 19.13
C GLU A 174 -0.27 -5.16 20.60
N THR A 175 -1.37 -4.93 21.30
CA THR A 175 -1.48 -5.39 22.67
C THR A 175 -2.89 -5.85 22.99
N PHE A 176 -3.01 -6.76 23.95
CA PHE A 176 -4.33 -7.11 24.50
C PHE A 176 -4.74 -5.99 25.46
N LEU A 177 -6.05 -5.87 25.68
CA LEU A 177 -6.57 -4.77 26.49
C LEU A 177 -7.20 -5.27 27.79
N ASP A 178 -6.96 -4.54 28.88
CA ASP A 178 -7.72 -4.76 30.12
C ASP A 178 -9.23 -4.62 29.84
N PRO A 179 -10.08 -5.18 30.70
CA PRO A 179 -11.51 -5.08 30.45
C PRO A 179 -12.02 -3.63 30.54
N PHE A 180 -12.88 -3.25 29.62
CA PHE A 180 -13.50 -1.92 29.67
C PHE A 180 -14.99 -2.02 29.39
N ILE A 181 -15.71 -0.96 29.71
CA ILE A 181 -17.13 -0.91 29.47
C ILE A 181 -17.38 0.05 28.30
N LEU A 182 -17.81 -0.50 27.17
CA LEU A 182 -17.99 0.30 25.96
C LEU A 182 -18.99 1.45 26.18
N ARG A 183 -20.01 1.22 27.01
CA ARG A 183 -20.98 2.28 27.31
C ARG A 183 -20.28 3.48 27.91
N ASP A 184 -19.21 3.23 28.64
CA ASP A 184 -18.51 4.28 29.36
C ASP A 184 -17.56 5.05 28.47
N LEU A 185 -17.48 4.63 27.20
CA LEU A 185 -16.69 5.35 26.20
C LEU A 185 -17.63 6.17 25.32
N LEU A 186 -18.91 6.11 25.67
CA LEU A 186 -19.93 6.91 25.01
C LEU A 186 -20.32 8.05 25.94
N PRO A 187 -20.89 9.14 25.39
CA PRO A 187 -21.21 10.26 26.27
C PRO A 187 -22.22 9.89 27.36
N ALA A 188 -22.17 10.60 28.47
CA ALA A 188 -23.12 10.40 29.57
C ALA A 188 -24.57 10.50 29.11
N SER A 189 -24.87 11.49 28.29
CA SER A 189 -26.20 11.62 27.70
C SER A 189 -26.16 11.32 26.20
N LEU A 190 -26.89 10.28 25.79
CA LEU A 190 -26.96 9.90 24.39
C LEU A 190 -28.11 10.62 23.69
N GLY A 191 -28.76 11.53 24.43
CA GLY A 191 -29.98 12.17 24.00
C GLY A 191 -29.87 12.91 22.68
N SER A 192 -28.83 13.71 22.53
CA SER A 192 -28.66 14.50 21.31
C SER A 192 -27.65 13.82 20.40
N TYR A 193 -28.10 13.44 19.21
CA TYR A 193 -27.19 12.94 18.19
C TYR A 193 -27.64 13.45 16.83
N TYR A 194 -26.77 13.29 15.84
CA TYR A 194 -27.10 13.64 14.46
C TYR A 194 -26.99 12.40 13.59
N ARG A 195 -27.80 12.35 12.54
CA ARG A 195 -27.75 11.29 11.55
C ARG A 195 -27.54 11.89 10.16
N TYR A 196 -26.68 11.27 9.36
CA TYR A 196 -26.56 11.65 7.96
C TYR A 196 -25.90 10.53 7.18
N THR A 197 -26.07 10.52 5.86
CA THR A 197 -25.49 9.48 5.02
C THR A 197 -24.13 9.96 4.47
N GLY A 198 -23.13 9.10 4.53
CA GLY A 198 -21.79 9.52 4.16
C GLY A 198 -20.89 8.39 3.75
N SER A 199 -19.61 8.52 4.09
CA SER A 199 -18.57 7.64 3.57
C SER A 199 -17.52 7.30 4.61
N LEU A 200 -16.65 6.37 4.23
CA LEU A 200 -15.43 6.12 4.98
C LEU A 200 -14.61 7.40 4.92
N THR A 201 -13.82 7.67 5.95
CA THR A 201 -13.00 8.88 5.95
C THR A 201 -11.55 8.55 5.57
N THR A 202 -11.32 7.35 5.08
CA THR A 202 -10.05 6.97 4.47
C THR A 202 -10.35 6.25 3.18
N PRO A 203 -9.39 6.18 2.25
CA PRO A 203 -9.63 5.37 1.06
C PRO A 203 -10.05 3.95 1.47
N PRO A 204 -10.96 3.33 0.71
CA PRO A 204 -11.44 3.83 -0.59
C PRO A 204 -12.60 4.85 -0.51
N CYS A 205 -12.90 5.37 0.67
CA CYS A 205 -13.92 6.43 0.81
C CYS A 205 -15.30 6.03 0.29
N SER A 206 -15.68 4.79 0.51
CA SER A 206 -16.94 4.27 -0.04
C SER A 206 -18.17 4.99 0.55
N GLU A 207 -19.10 5.41 -0.31
CA GLU A 207 -20.26 6.16 0.18
C GLU A 207 -21.36 5.20 0.57
N ILE A 208 -21.15 4.54 1.71
CA ILE A 208 -22.03 3.47 2.16
C ILE A 208 -22.35 3.60 3.65
N VAL A 209 -21.85 4.65 4.28
CA VAL A 209 -21.90 4.72 5.74
C VAL A 209 -23.08 5.55 6.23
N GLU A 210 -23.92 4.95 7.07
CA GLU A 210 -24.90 5.69 7.86
C GLU A 210 -24.26 6.14 9.16
N TRP A 211 -24.07 7.45 9.30
CA TRP A 211 -23.35 7.99 10.46
C TRP A 211 -24.28 8.42 11.58
N ILE A 212 -23.91 8.05 12.80
CA ILE A 212 -24.43 8.66 14.02
C ILE A 212 -23.32 9.49 14.66
N VAL A 213 -23.58 10.77 14.89
CA VAL A 213 -22.61 11.61 15.55
C VAL A 213 -23.20 12.14 16.84
N PHE A 214 -22.62 11.77 17.97
CA PHE A 214 -23.16 12.26 19.24
C PHE A 214 -22.73 13.70 19.54
N ARG A 215 -23.66 14.52 20.01
CA ARG A 215 -23.34 15.93 20.26
C ARG A 215 -22.45 16.14 21.48
N ARG A 216 -22.81 15.53 22.62
CA ARG A 216 -22.06 15.70 23.86
C ARG A 216 -20.78 14.90 23.85
N PRO A 217 -19.69 15.48 24.37
CA PRO A 217 -18.38 14.80 24.38
C PRO A 217 -18.14 13.97 25.64
N VAL A 218 -17.17 13.08 25.55
CA VAL A 218 -16.69 12.28 26.68
C VAL A 218 -15.47 12.96 27.28
N PRO A 219 -15.43 13.13 28.61
CA PRO A 219 -14.28 13.82 29.20
C PRO A 219 -12.97 13.04 29.06
N ILE A 220 -11.86 13.77 28.96
CA ILE A 220 -10.53 13.18 28.98
C ILE A 220 -9.55 14.25 29.46
N SER A 221 -8.63 13.90 30.36
CA SER A 221 -7.75 14.91 30.93
C SER A 221 -6.57 15.14 29.99
N TYR A 222 -5.87 16.27 30.17
CA TYR A 222 -4.66 16.52 29.41
C TYR A 222 -3.65 15.42 29.65
N HIS A 223 -3.59 14.95 30.90
CA HIS A 223 -2.68 13.84 31.21
C HIS A 223 -2.98 12.60 30.36
N GLN A 224 -4.25 12.28 30.18
CA GLN A 224 -4.61 11.11 29.39
C GLN A 224 -4.36 11.32 27.89
N LEU A 225 -4.60 12.53 27.42
CA LEU A 225 -4.35 12.89 26.03
C LEU A 225 -2.90 12.66 25.60
N GLU A 226 -1.96 12.93 26.50
CA GLU A 226 -0.54 12.69 26.25
C GLU A 226 -0.25 11.27 25.73
N ALA A 227 -1.06 10.30 26.15
CA ALA A 227 -0.90 8.95 25.63
C ALA A 227 -1.12 8.91 24.11
N PHE A 228 -2.04 9.73 23.61
CA PHE A 228 -2.27 9.83 22.16
C PHE A 228 -1.10 10.53 21.46
N TYR A 229 -0.63 11.63 22.04
CA TYR A 229 0.50 12.38 21.49
C TYR A 229 1.82 11.63 21.59
N SER A 230 1.79 10.47 22.21
CA SER A 230 3.02 9.69 22.39
C SER A 230 3.06 8.51 21.43
N ILE A 231 2.09 8.46 20.54
CA ILE A 231 2.05 7.42 19.49
C ILE A 231 2.93 7.82 18.30
N PHE A 232 3.71 6.88 17.80
CA PHE A 232 4.59 7.07 16.65
C PHE A 232 4.09 6.31 15.42
N THR A 233 4.61 6.71 14.26
CA THR A 233 4.39 5.97 13.05
C THR A 233 5.73 5.96 12.29
N THR A 234 5.73 5.50 11.06
CA THR A 234 6.91 5.63 10.23
C THR A 234 6.52 6.22 8.91
N GLU A 235 7.44 6.96 8.30
CA GLU A 235 7.17 7.54 7.00
C GLU A 235 8.25 7.02 6.08
N GLN A 236 7.83 6.43 4.97
CA GLN A 236 8.76 5.74 4.11
C GLN A 236 8.75 6.44 2.77
N GLN A 237 9.92 6.95 2.41
CA GLN A 237 10.12 7.62 1.13
C GLN A 237 11.00 6.77 0.22
N ASP A 238 11.20 7.26 -1.01
CA ASP A 238 12.00 6.55 -2.02
C ASP A 238 13.32 6.04 -1.47
N HIS A 239 13.95 6.82 -0.59
CA HIS A 239 15.24 6.41 -0.07
C HIS A 239 15.48 6.84 1.38
N VAL A 240 14.40 7.10 2.10
CA VAL A 240 14.47 7.33 3.55
C VAL A 240 13.30 6.66 4.24
N LYS A 241 13.53 6.07 5.40
CA LYS A 241 12.42 5.72 6.30
C LYS A 241 12.66 6.43 7.62
N SER A 242 11.65 7.04 8.19
CA SER A 242 11.89 7.70 9.47
C SER A 242 10.79 7.42 10.48
N VAL A 243 11.16 7.47 11.75
CA VAL A 243 10.18 7.35 12.81
C VAL A 243 9.64 8.75 13.14
N GLU A 244 8.32 8.90 13.11
CA GLU A 244 7.67 10.21 13.27
C GLU A 244 6.55 10.12 14.31
N TYR A 245 6.21 11.25 14.95
CA TYR A 245 5.01 11.23 15.78
C TYR A 245 3.81 11.03 14.87
N LEU A 246 2.85 10.25 15.33
CA LEU A 246 1.59 10.13 14.60
C LEU A 246 0.67 11.18 15.20
N ARG A 247 0.41 12.25 14.44
CA ARG A 247 -0.41 13.36 14.91
C ARG A 247 -1.28 13.92 13.79
N ASN A 248 -2.33 14.64 14.18
CA ASN A 248 -3.28 15.26 13.24
C ASN A 248 -3.78 14.27 12.19
N ASN A 249 -4.13 13.06 12.63
CA ASN A 249 -4.54 12.02 11.69
C ASN A 249 -6.03 12.11 11.41
N PHE A 250 -6.43 13.21 10.77
CA PHE A 250 -7.83 13.44 10.42
C PHE A 250 -7.95 13.91 8.96
N ARG A 251 -9.08 13.61 8.35
CA ARG A 251 -9.35 14.00 6.98
C ARG A 251 -10.04 15.36 6.96
N PRO A 252 -9.66 16.24 6.01
CA PRO A 252 -10.37 17.51 5.83
C PRO A 252 -11.86 17.29 5.62
N GLN A 253 -12.68 18.21 6.11
CA GLN A 253 -14.11 18.08 5.97
C GLN A 253 -14.56 18.25 4.51
N GLN A 254 -15.74 17.69 4.22
CA GLN A 254 -16.26 17.59 2.88
C GLN A 254 -17.57 18.37 2.75
N ALA A 255 -17.93 18.77 1.54
CA ALA A 255 -19.19 19.49 1.32
C ALA A 255 -20.42 18.61 1.50
N LEU A 256 -21.48 19.19 2.07
CA LEU A 256 -22.75 18.48 2.24
C LEU A 256 -23.40 18.19 0.91
N ASN A 257 -23.33 19.17 0.01
CA ASN A 257 -24.02 19.13 -1.27
C ASN A 257 -25.52 18.98 -1.07
N ASP A 258 -26.12 17.92 -1.61
CA ASP A 258 -27.58 17.76 -1.55
C ASP A 258 -28.07 17.20 -0.22
N ARG A 259 -27.14 16.80 0.64
CA ARG A 259 -27.51 16.10 1.87
C ARG A 259 -28.06 17.00 2.97
N VAL A 260 -29.05 16.50 3.70
CA VAL A 260 -29.48 17.18 4.91
C VAL A 260 -29.13 16.31 6.11
N VAL A 261 -28.67 16.95 7.17
CA VAL A 261 -28.35 16.27 8.42
C VAL A 261 -29.61 16.21 9.25
N SER A 262 -29.86 15.07 9.90
CA SER A 262 -31.01 14.98 10.80
C SER A 262 -30.56 15.02 12.25
N LYS A 263 -31.45 15.35 13.17
CA LYS A 263 -31.11 15.32 14.58
C LYS A 263 -32.24 14.78 15.44
N SER A 264 -31.88 14.09 16.52
CA SER A 264 -32.86 13.55 17.46
C SER A 264 -33.70 14.66 18.08
N SER B 1 28.14 -13.89 -16.15
CA SER B 1 26.82 -13.89 -15.53
C SER B 1 26.66 -12.81 -14.45
N ALA B 2 27.74 -12.51 -13.74
CA ALA B 2 27.68 -11.52 -12.65
C ALA B 2 27.89 -10.08 -13.14
N TYR B 3 27.02 -9.18 -12.71
CA TYR B 3 27.06 -7.79 -13.15
C TYR B 3 26.38 -6.86 -12.15
N ILE B 4 26.66 -5.57 -12.26
CA ILE B 4 25.89 -4.54 -11.58
C ILE B 4 25.92 -3.26 -12.42
N GLU B 5 24.74 -2.66 -12.60
CA GLU B 5 24.62 -1.43 -13.39
C GLU B 5 25.03 -0.20 -12.56
N ASP B 6 25.30 0.91 -13.21
CA ASP B 6 25.49 2.18 -12.51
C ASP B 6 24.17 2.63 -11.90
N PHE B 7 24.23 3.37 -10.80
CA PHE B 7 23.03 4.04 -10.28
C PHE B 7 22.51 4.97 -11.37
N GLU B 8 21.19 5.17 -11.42
CA GLU B 8 20.58 6.00 -12.45
C GLU B 8 20.34 7.43 -11.98
N THR B 9 19.92 7.56 -10.72
CA THR B 9 19.64 8.84 -10.09
C THR B 9 20.93 9.65 -9.86
N LYS B 10 20.92 10.92 -10.25
CA LYS B 10 22.11 11.77 -10.10
C LYS B 10 22.23 12.36 -8.68
N THR B 11 21.12 12.87 -8.15
CA THR B 11 21.07 13.42 -6.79
C THR B 11 19.79 13.01 -6.05
N ARG B 12 19.90 12.74 -4.75
CA ARG B 12 18.72 12.39 -3.96
C ARG B 12 18.15 13.58 -3.21
N SER B 13 16.87 13.51 -2.88
CA SER B 13 16.21 14.50 -2.04
C SER B 13 16.96 14.69 -0.74
N THR B 14 17.09 15.95 -0.32
CA THR B 14 17.62 16.25 0.99
C THR B 14 16.77 15.60 2.06
N VAL B 15 17.42 14.93 2.99
CA VAL B 15 16.75 14.40 4.17
C VAL B 15 16.73 15.44 5.30
N SER B 16 15.54 15.89 5.68
CA SER B 16 15.38 16.80 6.81
C SER B 16 14.89 16.05 8.03
N VAL B 17 15.66 16.03 9.10
CA VAL B 17 15.19 15.38 10.32
C VAL B 17 15.52 16.14 11.60
N ARG B 18 14.80 15.81 12.66
CA ARG B 18 15.00 16.41 13.97
C ARG B 18 16.19 15.79 14.69
N GLU B 19 16.95 16.62 15.42
CA GLU B 19 17.92 16.10 16.37
C GLU B 19 17.18 15.13 17.28
N GLY B 20 17.74 13.94 17.50
CA GLY B 20 17.06 12.94 18.31
C GLY B 20 16.21 11.92 17.53
N GLN B 21 15.94 12.21 16.27
CA GLN B 21 15.07 11.37 15.43
C GLN B 21 15.81 10.19 14.81
N GLY B 22 15.12 9.05 14.77
CA GLY B 22 15.69 7.87 14.13
C GLY B 22 15.41 7.88 12.64
N VAL B 23 16.44 7.59 11.85
CA VAL B 23 16.37 7.68 10.39
C VAL B 23 17.09 6.49 9.75
N VAL B 24 16.54 5.97 8.66
CA VAL B 24 17.22 4.95 7.85
C VAL B 24 17.43 5.50 6.45
N LEU B 25 18.67 5.54 5.99
CA LEU B 25 18.94 5.86 4.58
C LEU B 25 19.00 4.59 3.73
N LEU B 26 18.18 4.55 2.69
CA LEU B 26 18.06 3.35 1.85
C LEU B 26 19.11 3.39 0.75
N CYS B 27 19.86 2.31 0.59
CA CYS B 27 20.87 2.24 -0.46
C CYS B 27 20.23 2.24 -1.85
N GLY B 28 19.31 1.31 -2.08
CA GLY B 28 18.63 1.16 -3.36
C GLY B 28 19.57 0.80 -4.51
N PRO B 29 20.34 -0.30 -4.36
CA PRO B 29 21.33 -0.60 -5.39
C PRO B 29 20.68 -0.90 -6.72
N PRO B 30 21.36 -0.57 -7.82
CA PRO B 30 20.87 -0.75 -9.19
C PRO B 30 20.81 -2.23 -9.56
N PRO B 31 20.14 -2.57 -10.67
CA PRO B 31 20.04 -3.98 -11.07
C PRO B 31 21.39 -4.67 -11.11
N HIS B 32 21.40 -5.96 -10.82
CA HIS B 32 22.63 -6.70 -10.68
C HIS B 32 22.40 -8.19 -10.60
N PHE B 33 23.48 -8.94 -10.73
CA PHE B 33 23.49 -10.36 -10.40
C PHE B 33 24.76 -10.67 -9.63
N GLY B 34 24.62 -11.32 -8.49
CA GLY B 34 25.76 -11.62 -7.64
C GLY B 34 25.56 -11.00 -6.27
N GLU B 35 26.30 -11.49 -5.29
CA GLU B 35 26.18 -11.02 -3.92
C GLU B 35 26.84 -9.65 -3.75
N LEU B 36 26.12 -8.74 -3.10
CA LEU B 36 26.60 -7.36 -2.89
C LEU B 36 27.14 -7.12 -1.48
N SER B 37 28.18 -6.29 -1.38
CA SER B 37 28.62 -5.74 -0.11
C SER B 37 28.48 -4.23 -0.13
N TYR B 38 28.51 -3.61 1.05
CA TYR B 38 28.09 -2.23 1.17
C TYR B 38 28.97 -1.43 2.10
N ALA B 39 29.23 -0.19 1.72
CA ALA B 39 29.78 0.80 2.63
C ALA B 39 29.08 2.12 2.33
N TRP B 40 29.14 3.06 3.26
CA TRP B 40 28.57 4.38 3.02
C TRP B 40 29.65 5.40 3.22
N THR B 41 29.62 6.46 2.42
CA THR B 41 30.52 7.57 2.62
C THR B 41 29.80 8.71 3.32
N PHE B 42 30.59 9.59 3.89
CA PHE B 42 30.08 10.81 4.49
C PHE B 42 31.04 11.91 4.13
N ASN B 43 30.55 12.93 3.42
CA ASN B 43 31.41 13.99 2.87
C ASN B 43 32.67 13.46 2.21
N ASP B 44 32.53 12.48 1.32
CA ASP B 44 33.65 11.98 0.54
C ASP B 44 34.73 11.30 1.40
N SER B 45 34.31 10.69 2.50
CA SER B 45 35.16 9.79 3.25
C SER B 45 34.31 8.62 3.70
N PRO B 46 34.91 7.43 3.77
CA PRO B 46 34.19 6.26 4.31
C PRO B 46 33.72 6.51 5.74
N LEU B 47 32.61 5.88 6.09
CA LEU B 47 32.05 5.99 7.44
C LEU B 47 32.66 4.92 8.34
N TYR B 48 33.21 5.34 9.47
CA TYR B 48 33.78 4.39 10.42
C TYR B 48 32.85 4.24 11.62
N VAL B 49 31.87 3.35 11.51
CA VAL B 49 30.84 3.22 12.54
C VAL B 49 30.84 1.94 13.36
N GLN B 50 31.81 1.04 13.18
CA GLN B 50 31.68 -0.30 13.77
C GLN B 50 31.92 -0.39 15.27
N GLU B 51 32.30 0.73 15.91
CA GLU B 51 32.38 0.76 17.37
C GLU B 51 31.42 1.80 17.92
N ASP B 52 30.42 2.15 17.13
CA ASP B 52 29.48 3.20 17.49
C ASP B 52 28.11 2.58 17.48
N LYS B 53 27.50 2.40 18.66
CA LYS B 53 26.20 1.73 18.75
C LYS B 53 25.06 2.57 18.13
N ARG B 54 25.34 3.82 17.78
CA ARG B 54 24.32 4.75 17.28
C ARG B 54 24.10 4.65 15.78
N ARG B 55 25.10 4.14 15.05
CA ARG B 55 25.00 4.07 13.58
C ARG B 55 25.35 2.68 13.08
N PHE B 56 24.63 2.16 12.10
CA PHE B 56 24.87 0.78 11.66
C PHE B 56 24.68 0.65 10.16
N VAL B 57 25.59 -0.07 9.49
CA VAL B 57 25.40 -0.40 8.08
C VAL B 57 25.18 -1.91 7.97
N SER B 58 24.06 -2.30 7.36
CA SER B 58 23.72 -3.71 7.24
C SER B 58 24.22 -4.28 5.92
N GLN B 59 24.98 -5.36 5.99
CA GLN B 59 25.42 -6.00 4.77
C GLN B 59 24.31 -6.82 4.14
N ASP B 60 23.23 -7.04 4.89
CA ASP B 60 22.07 -7.74 4.33
C ASP B 60 21.19 -6.76 3.55
N THR B 61 20.75 -5.69 4.22
CA THR B 61 19.82 -4.76 3.58
C THR B 61 20.54 -3.70 2.76
N GLY B 62 21.81 -3.45 3.09
CA GLY B 62 22.59 -2.39 2.46
C GLY B 62 22.36 -1.01 3.05
N ASN B 63 21.42 -0.90 3.99
CA ASN B 63 21.03 0.44 4.47
C ASN B 63 21.90 0.98 5.61
N LEU B 64 21.85 2.30 5.76
CA LEU B 64 22.53 3.01 6.84
C LEU B 64 21.50 3.43 7.86
N TYR B 65 21.66 3.00 9.11
CA TYR B 65 20.70 3.28 10.18
C TYR B 65 21.27 4.25 11.21
N PHE B 66 20.51 5.32 11.48
CA PHE B 66 20.81 6.24 12.57
C PHE B 66 19.82 6.02 13.68
N ALA B 67 20.25 5.40 14.79
CA ALA B 67 19.34 5.14 15.90
C ALA B 67 18.72 6.46 16.39
N LYS B 68 19.53 7.51 16.37
CA LYS B 68 19.05 8.86 16.59
C LYS B 68 20.06 9.81 15.94
N VAL B 69 19.56 10.90 15.37
CA VAL B 69 20.43 11.76 14.59
C VAL B 69 21.01 12.88 15.47
N GLU B 70 22.29 13.17 15.27
CA GLU B 70 22.95 14.23 16.02
C GLU B 70 23.45 15.30 15.05
N PRO B 71 23.73 16.52 15.55
CA PRO B 71 24.23 17.59 14.69
C PRO B 71 25.44 17.19 13.84
N SER B 72 26.29 16.30 14.36
CA SER B 72 27.49 15.88 13.63
C SER B 72 27.17 15.06 12.38
N ASP B 73 25.96 14.53 12.28
CA ASP B 73 25.57 13.73 11.12
C ASP B 73 25.29 14.57 9.86
N VAL B 74 25.27 15.88 10.02
CA VAL B 74 24.89 16.75 8.90
C VAL B 74 25.97 16.77 7.83
N GLY B 75 25.57 16.41 6.61
CA GLY B 75 26.48 16.34 5.49
C GLY B 75 25.89 15.52 4.36
N ASN B 76 26.74 15.10 3.43
CA ASN B 76 26.33 14.32 2.25
C ASN B 76 26.73 12.85 2.34
N TYR B 77 25.76 11.96 2.11
CA TYR B 77 25.97 10.53 2.16
C TYR B 77 25.85 9.89 0.79
N THR B 78 26.65 8.87 0.52
CA THR B 78 26.36 8.01 -0.61
C THR B 78 26.48 6.56 -0.22
N CYS B 79 25.77 5.70 -0.94
CA CYS B 79 25.92 4.28 -0.77
C CYS B 79 26.88 3.74 -1.82
N PHE B 80 27.91 3.04 -1.35
CA PHE B 80 28.93 2.44 -2.23
C PHE B 80 28.75 0.93 -2.28
N VAL B 81 28.47 0.42 -3.47
CA VAL B 81 28.08 -0.96 -3.63
C VAL B 81 29.12 -1.75 -4.36
N THR B 82 29.63 -2.79 -3.72
CA THR B 82 30.59 -3.68 -4.36
C THR B 82 29.90 -4.99 -4.73
N ASN B 83 30.07 -5.40 -5.98
CA ASN B 83 29.70 -6.74 -6.42
C ASN B 83 30.99 -7.55 -6.62
N LYS B 84 31.34 -8.36 -5.62
CA LYS B 84 32.61 -9.07 -5.60
C LYS B 84 32.78 -10.02 -6.77
N GLU B 85 31.73 -10.79 -7.08
CA GLU B 85 31.80 -11.73 -8.19
C GLU B 85 32.03 -11.01 -9.50
N ALA B 86 31.49 -9.80 -9.61
CA ALA B 86 31.55 -9.07 -10.85
C ALA B 86 32.84 -8.25 -10.96
N HIS B 87 33.57 -8.17 -9.85
CA HIS B 87 34.77 -7.33 -9.75
C HIS B 87 34.46 -5.89 -10.14
N ARG B 88 33.35 -5.38 -9.63
CA ARG B 88 32.89 -4.06 -10.03
C ARG B 88 32.20 -3.35 -8.88
N SER B 89 32.44 -2.05 -8.76
CA SER B 89 31.81 -1.25 -7.72
C SER B 89 31.16 -0.02 -8.33
N VAL B 90 30.03 0.39 -7.79
CA VAL B 90 29.33 1.57 -8.27
C VAL B 90 28.88 2.44 -7.10
N GLN B 91 29.03 3.74 -7.26
CA GLN B 91 28.70 4.67 -6.19
C GLN B 91 27.34 5.32 -6.44
N GLY B 92 26.53 5.42 -5.39
CA GLY B 92 25.21 6.04 -5.47
C GLY B 92 25.20 7.57 -5.43
N PRO B 93 24.03 8.19 -5.61
CA PRO B 93 23.98 9.65 -5.69
C PRO B 93 24.18 10.29 -4.32
N PRO B 94 24.66 11.55 -4.29
CA PRO B 94 24.81 12.31 -3.05
C PRO B 94 23.47 12.51 -2.36
N THR B 95 23.43 12.22 -1.07
CA THR B 95 22.21 12.35 -0.27
C THR B 95 22.42 13.33 0.89
N PRO B 96 21.96 14.59 0.73
CA PRO B 96 22.14 15.59 1.80
C PRO B 96 21.31 15.30 3.03
N LEU B 97 21.90 15.41 4.21
CA LEU B 97 21.16 15.29 5.46
C LEU B 97 21.30 16.58 6.23
N VAL B 98 20.17 17.13 6.64
CA VAL B 98 20.11 18.43 7.29
C VAL B 98 19.23 18.32 8.54
N LEU B 99 19.50 19.13 9.56
CA LEU B 99 18.64 19.16 10.73
C LEU B 99 17.51 20.18 10.56
N ARG B 100 16.31 19.80 10.97
CA ARG B 100 15.21 20.76 11.07
C ARG B 100 15.49 21.67 12.25
N THR B 101 14.85 22.85 12.26
CA THR B 101 15.00 23.76 13.38
C THR B 101 13.70 23.91 14.18
N ASP B 102 12.76 23.00 13.92
CA ASP B 102 11.45 23.01 14.58
C ASP B 102 11.50 22.58 16.04
N GLY B 103 12.68 22.18 16.50
CA GLY B 103 12.83 21.60 17.82
C GLY B 103 13.41 20.21 17.72
N VAL B 104 13.64 19.58 18.86
CA VAL B 104 14.26 18.26 18.91
C VAL B 104 13.21 17.17 19.11
N MET B 105 13.54 15.94 18.75
CA MET B 105 12.64 14.81 18.93
C MET B 105 12.69 14.39 20.39
N GLY B 106 11.55 13.99 20.96
CA GLY B 106 11.57 13.53 22.34
C GLY B 106 12.21 12.15 22.49
N GLU B 107 12.26 11.68 23.73
CA GLU B 107 12.67 10.32 24.01
C GLU B 107 11.52 9.36 23.75
N TYR B 108 11.84 8.13 23.36
CA TYR B 108 10.81 7.13 23.06
C TYR B 108 11.46 5.74 23.02
N GLU B 109 10.64 4.71 23.19
CA GLU B 109 11.15 3.34 23.27
C GLU B 109 11.75 2.88 21.93
N PRO B 110 12.65 1.88 21.96
CA PRO B 110 13.30 1.46 20.72
C PRO B 110 12.32 0.83 19.73
N LYS B 111 12.58 1.03 18.44
CA LYS B 111 11.85 0.32 17.41
C LYS B 111 12.84 -0.46 16.55
N ILE B 112 12.70 -1.78 16.53
CA ILE B 112 13.60 -2.61 15.74
C ILE B 112 13.30 -2.43 14.25
N GLU B 113 14.31 -2.00 13.49
CA GLU B 113 14.15 -1.76 12.06
C GLU B 113 14.85 -2.78 11.18
N VAL B 114 15.81 -3.51 11.74
CA VAL B 114 16.34 -4.66 11.01
C VAL B 114 16.39 -5.80 11.99
N ARG B 115 15.96 -6.97 11.52
CA ARG B 115 15.89 -8.17 12.37
C ARG B 115 16.15 -9.41 11.54
N PHE B 116 16.12 -10.55 12.21
CA PHE B 116 16.36 -11.85 11.57
C PHE B 116 15.02 -12.59 11.42
N PRO B 117 14.94 -13.54 10.47
CA PRO B 117 13.68 -14.23 10.21
C PRO B 117 13.11 -14.96 11.43
N GLU B 118 11.81 -15.17 11.45
CA GLU B 118 11.16 -15.85 12.57
C GLU B 118 11.45 -17.32 12.58
N THR B 119 11.71 -17.88 11.40
CA THR B 119 12.16 -19.26 11.31
C THR B 119 13.35 -19.34 10.38
N ILE B 120 14.38 -20.07 10.80
CA ILE B 120 15.58 -20.25 10.00
C ILE B 120 16.00 -21.72 9.95
N GLN B 121 16.10 -22.27 8.75
CA GLN B 121 16.64 -23.62 8.59
C GLN B 121 18.17 -23.53 8.50
N ALA B 122 18.85 -24.18 9.46
CA ALA B 122 20.30 -24.06 9.56
C ALA B 122 20.99 -25.40 9.35
N ALA B 123 21.74 -25.51 8.27
CA ALA B 123 22.43 -26.73 7.91
C ALA B 123 23.63 -27.00 8.84
N LYS B 124 23.87 -28.26 9.15
CA LYS B 124 25.02 -28.65 9.95
C LYS B 124 26.32 -28.07 9.37
N ASP B 125 27.17 -27.57 10.26
CA ASP B 125 28.49 -26.98 9.93
C ASP B 125 28.40 -25.65 9.17
N SER B 126 27.19 -25.14 8.96
CA SER B 126 27.05 -23.86 8.26
C SER B 126 27.19 -22.72 9.24
N SER B 127 27.29 -21.50 8.72
CA SER B 127 27.38 -20.31 9.57
C SER B 127 26.09 -19.50 9.51
N ILE B 128 25.50 -19.20 10.66
CA ILE B 128 24.24 -18.45 10.71
C ILE B 128 24.49 -17.05 11.23
N LYS B 129 24.04 -16.05 10.47
CA LYS B 129 24.23 -14.65 10.84
C LYS B 129 22.91 -13.99 11.16
N LEU B 130 22.77 -13.50 12.39
CA LEU B 130 21.57 -12.81 12.82
C LEU B 130 21.87 -11.34 13.03
N GLU B 131 21.03 -10.47 12.48
CA GLU B 131 21.17 -9.03 12.70
C GLU B 131 19.99 -8.47 13.48
N CYS B 132 20.26 -7.43 14.25
CA CYS B 132 19.21 -6.72 14.93
C CYS B 132 19.67 -5.29 15.25
N PHE B 133 18.92 -4.28 14.80
CA PHE B 133 19.25 -2.89 15.12
C PHE B 133 17.98 -2.06 15.23
N ALA B 134 18.00 -1.10 16.16
CA ALA B 134 16.80 -0.33 16.52
C ALA B 134 17.06 1.17 16.51
N LEU B 135 16.02 1.93 16.18
CA LEU B 135 16.02 3.38 16.32
C LEU B 135 15.43 3.74 17.67
N GLY B 136 15.91 4.82 18.28
CA GLY B 136 15.39 5.17 19.57
C GLY B 136 16.22 6.20 20.28
N ASN B 137 15.60 6.82 21.28
CA ASN B 137 16.20 7.92 22.01
C ASN B 137 15.85 7.75 23.47
N PRO B 138 16.84 7.43 24.33
CA PRO B 138 18.28 7.31 24.08
C PRO B 138 18.66 6.16 23.12
N VAL B 139 19.85 6.23 22.54
CA VAL B 139 20.32 5.20 21.64
C VAL B 139 20.15 3.83 22.30
N PRO B 140 19.44 2.92 21.63
CA PRO B 140 19.17 1.63 22.26
C PRO B 140 20.42 0.76 22.40
N ASP B 141 20.36 -0.16 23.35
CA ASP B 141 21.37 -1.22 23.48
C ASP B 141 20.78 -2.53 22.97
N ILE B 142 21.56 -3.26 22.16
CA ILE B 142 21.11 -4.56 21.65
C ILE B 142 21.78 -5.67 22.44
N SER B 143 20.97 -6.60 22.93
CA SER B 143 21.51 -7.81 23.58
C SER B 143 20.80 -9.03 23.03
N TRP B 144 21.35 -10.20 23.34
CA TRP B 144 20.84 -11.43 22.79
C TRP B 144 20.66 -12.47 23.87
N LYS B 145 19.69 -13.36 23.67
CA LYS B 145 19.37 -14.38 24.64
C LYS B 145 18.84 -15.64 23.93
N ARG B 146 19.23 -16.80 24.44
CA ARG B 146 18.51 -18.05 24.15
C ARG B 146 17.31 -18.11 25.09
N LEU B 147 16.17 -18.56 24.58
CA LEU B 147 15.01 -18.64 25.45
C LEU B 147 15.24 -19.61 26.61
N ASP B 148 16.10 -20.61 26.41
CA ASP B 148 16.38 -21.57 27.47
C ASP B 148 17.44 -21.05 28.46
N GLY B 149 17.88 -19.81 28.25
CA GLY B 149 18.79 -19.15 29.17
C GLY B 149 20.19 -19.73 29.28
N SER B 150 20.58 -20.56 28.32
CA SER B 150 21.90 -21.17 28.34
C SER B 150 23.00 -20.24 27.81
N PRO B 151 24.22 -20.32 28.39
CA PRO B 151 25.29 -19.43 27.95
C PRO B 151 25.64 -19.68 26.49
N MET B 152 26.09 -18.66 25.78
CA MET B 152 26.48 -18.82 24.38
C MET B 152 27.79 -19.61 24.27
N PRO B 153 27.84 -20.60 23.36
CA PRO B 153 29.12 -21.28 23.09
C PRO B 153 30.18 -20.26 22.67
N GLY B 154 31.43 -20.56 22.97
CA GLY B 154 32.54 -19.65 22.71
C GLY B 154 32.72 -19.25 21.27
N LYS B 155 32.29 -20.13 20.36
CA LYS B 155 32.44 -19.88 18.94
C LYS B 155 31.56 -18.73 18.45
N ILE B 156 30.54 -18.36 19.22
CA ILE B 156 29.60 -17.32 18.76
C ILE B 156 30.34 -15.98 18.62
N LYS B 157 30.09 -15.26 17.54
CA LYS B 157 30.79 -13.98 17.32
C LYS B 157 29.86 -12.77 17.37
N TYR B 158 30.06 -11.90 18.36
CA TYR B 158 29.32 -10.62 18.43
C TYR B 158 30.09 -9.54 17.70
N SER B 159 29.39 -8.69 16.95
CA SER B 159 30.08 -7.59 16.26
C SER B 159 29.16 -6.41 16.03
N LYS B 160 29.77 -5.25 15.76
CA LYS B 160 29.07 -3.98 15.61
C LYS B 160 28.14 -3.67 16.80
N SER B 161 28.72 -3.56 18.00
CA SER B 161 27.94 -3.24 19.20
C SER B 161 26.80 -4.24 19.45
N GLN B 162 27.08 -5.51 19.20
CA GLN B 162 26.10 -6.60 19.29
C GLN B 162 24.93 -6.48 18.32
N ALA B 163 25.07 -5.64 17.29
CA ALA B 163 24.03 -5.61 16.27
C ALA B 163 23.99 -6.94 15.51
N ILE B 164 25.11 -7.65 15.53
CA ILE B 164 25.22 -8.89 14.78
C ILE B 164 25.67 -10.04 15.68
N LEU B 165 24.90 -11.12 15.67
CA LEU B 165 25.29 -12.35 16.35
C LEU B 165 25.51 -13.42 15.28
N GLU B 166 26.71 -13.99 15.24
CA GLU B 166 26.98 -15.04 14.27
C GLU B 166 27.21 -16.38 14.95
N ILE B 167 26.62 -17.44 14.39
CA ILE B 167 26.81 -18.81 14.90
C ILE B 167 27.50 -19.68 13.86
N PRO B 168 28.82 -19.85 13.98
CA PRO B 168 29.61 -20.69 13.07
C PRO B 168 29.39 -22.17 13.32
N LYS B 169 29.84 -23.03 12.40
CA LYS B 169 29.85 -24.48 12.55
C LYS B 169 28.58 -25.02 13.22
N PHE B 170 27.43 -24.70 12.64
CA PHE B 170 26.16 -24.94 13.32
C PHE B 170 25.96 -26.43 13.67
N GLN B 171 25.68 -26.68 14.95
CA GLN B 171 25.45 -28.03 15.44
C GLN B 171 24.03 -28.09 16.01
N GLN B 172 23.58 -29.32 16.29
CA GLN B 172 22.21 -29.54 16.70
C GLN B 172 21.90 -28.85 18.03
N GLU B 173 22.87 -28.81 18.93
CA GLU B 173 22.64 -28.15 20.22
C GLU B 173 22.48 -26.62 20.07
N ASP B 174 22.86 -26.09 18.90
CA ASP B 174 22.71 -24.66 18.66
C ASP B 174 21.27 -24.29 18.28
N GLU B 175 20.46 -25.27 17.91
CA GLU B 175 19.11 -24.97 17.45
C GLU B 175 18.24 -24.53 18.63
N GLY B 176 17.08 -23.94 18.34
CA GLY B 176 16.22 -23.45 19.40
C GLY B 176 15.83 -22.00 19.18
N PHE B 177 15.18 -21.39 20.16
CA PHE B 177 14.70 -20.03 20.00
C PHE B 177 15.71 -19.01 20.46
N TYR B 178 15.94 -18.00 19.64
CA TYR B 178 16.81 -16.91 20.00
C TYR B 178 15.99 -15.64 20.05
N GLU B 179 16.44 -14.65 20.82
CA GLU B 179 15.82 -13.35 20.70
C GLU B 179 16.84 -12.24 20.89
N CYS B 180 16.63 -11.14 20.18
CA CYS B 180 17.42 -9.96 20.43
C CYS B 180 16.53 -8.97 21.13
N ILE B 181 17.12 -8.23 22.06
CA ILE B 181 16.39 -7.25 22.85
C ILE B 181 16.95 -5.88 22.53
N ALA B 182 16.08 -4.96 22.15
CA ALA B 182 16.48 -3.58 21.94
C ALA B 182 15.87 -2.75 23.05
N GLY B 183 16.71 -2.18 23.89
CA GLY B 183 16.22 -1.52 25.08
C GLY B 183 16.85 -0.17 25.36
N ASN B 184 16.05 0.72 25.93
CA ASN B 184 16.55 1.97 26.52
C ASN B 184 15.69 2.35 27.74
N LEU B 185 15.92 3.52 28.31
CA LEU B 185 15.19 3.96 29.50
C LEU B 185 13.68 4.04 29.33
N ARG B 186 13.22 4.28 28.10
CA ARG B 186 11.79 4.43 27.82
C ARG B 186 11.07 3.10 27.56
N GLY B 187 11.84 2.02 27.37
CA GLY B 187 11.22 0.73 27.17
C GLY B 187 12.08 -0.23 26.39
N ARG B 188 11.51 -1.38 26.05
CA ARG B 188 12.23 -2.37 25.27
C ARG B 188 11.29 -3.16 24.38
N ASN B 189 11.83 -3.51 23.22
CA ASN B 189 11.15 -4.39 22.28
C ASN B 189 12.10 -5.50 21.88
N LEU B 190 11.54 -6.59 21.38
CA LEU B 190 12.33 -7.76 21.05
C LEU B 190 11.96 -8.32 19.68
N ALA B 191 12.88 -9.12 19.13
CA ALA B 191 12.59 -9.92 17.96
C ALA B 191 12.98 -11.35 18.27
N LYS B 192 12.07 -12.30 18.09
CA LYS B 192 12.41 -13.70 18.31
C LYS B 192 12.26 -14.54 17.07
N GLY B 193 13.03 -15.63 17.05
CA GLY B 193 12.99 -16.56 15.95
C GLY B 193 13.47 -17.92 16.36
N GLN B 194 13.14 -18.93 15.58
CA GLN B 194 13.57 -20.29 15.88
C GLN B 194 14.57 -20.78 14.83
N LEU B 195 15.75 -21.21 15.28
CA LEU B 195 16.73 -21.81 14.39
C LEU B 195 16.50 -23.31 14.40
N ILE B 196 16.39 -23.91 13.22
CA ILE B 196 16.06 -25.32 13.08
C ILE B 196 17.17 -26.04 12.34
N PHE B 197 17.76 -27.01 13.04
CA PHE B 197 18.86 -27.81 12.52
C PHE B 197 18.40 -28.79 11.43
N TYR B 198 19.22 -28.95 10.41
CA TYR B 198 19.09 -30.08 9.48
C TYR B 198 20.48 -30.47 8.99
N ALA B 199 20.61 -31.67 8.44
CA ALA B 199 21.91 -32.14 7.96
C ALA B 199 21.82 -32.74 6.55
N ASP C 1 -0.36 -5.54 2.86
CA ASP C 1 -0.51 -4.09 2.91
C ASP C 1 0.73 -3.22 2.61
N PRO C 2 1.96 -3.75 2.77
CA PRO C 2 3.05 -2.81 2.48
C PRO C 2 3.34 -2.72 0.99
N TYR C 3 3.89 -1.60 0.54
CA TYR C 3 4.17 -1.43 -0.88
C TYR C 3 5.35 -2.29 -1.27
N TRP C 4 5.29 -2.87 -2.47
CA TRP C 4 6.38 -3.70 -2.98
C TRP C 4 6.37 -3.61 -4.49
N ALA C 5 7.50 -3.93 -5.11
CA ALA C 5 7.59 -3.92 -6.57
C ALA C 5 8.58 -4.96 -7.03
N TYR C 6 8.72 -5.12 -8.35
CA TYR C 6 9.66 -6.12 -8.88
C TYR C 6 11.03 -5.51 -9.17
N SER C 7 11.18 -4.24 -8.83
CA SER C 7 12.45 -3.57 -8.98
C SER C 7 12.43 -2.27 -8.16
N GLY C 8 13.60 -1.66 -7.98
CA GLY C 8 13.69 -0.39 -7.27
C GLY C 8 13.91 -0.60 -5.78
N ALA C 9 13.68 0.45 -5.00
CA ALA C 9 13.91 0.43 -3.56
C ALA C 9 13.00 -0.55 -2.81
N TYR C 10 11.84 -0.85 -3.39
CA TYR C 10 10.95 -1.84 -2.80
C TYR C 10 10.97 -3.14 -3.60
N GLY C 11 12.07 -3.40 -4.29
CA GLY C 11 12.23 -4.63 -5.07
C GLY C 11 12.44 -5.88 -4.23
N PRO C 12 12.50 -7.05 -4.88
CA PRO C 12 12.49 -8.35 -4.21
C PRO C 12 13.53 -8.53 -3.09
N GLU C 13 14.72 -8.01 -3.28
CA GLU C 13 15.74 -8.15 -2.25
C GLU C 13 15.47 -7.28 -1.04
N HIS C 14 14.46 -6.42 -1.15
CA HIS C 14 14.15 -5.47 -0.08
C HIS C 14 12.84 -5.81 0.61
N TRP C 15 12.07 -6.74 0.04
CA TRP C 15 10.78 -7.14 0.60
C TRP C 15 10.82 -7.47 2.09
N VAL C 16 11.87 -8.20 2.50
CA VAL C 16 11.99 -8.68 3.87
C VAL C 16 11.95 -7.51 4.86
N THR C 17 12.36 -6.35 4.38
CA THR C 17 12.52 -5.17 5.22
C THR C 17 11.16 -4.76 5.81
N SER C 18 10.09 -5.03 5.06
CA SER C 18 8.72 -4.70 5.46
C SER C 18 7.87 -5.95 5.70
N SER C 19 8.27 -7.07 5.12
CA SER C 19 7.55 -8.33 5.34
C SER C 19 8.54 -9.43 5.78
N VAL C 20 8.60 -9.67 7.08
CA VAL C 20 9.65 -10.50 7.66
C VAL C 20 9.62 -11.94 7.12
N SER C 21 8.44 -12.44 6.76
CA SER C 21 8.35 -13.80 6.24
C SER C 21 9.09 -13.96 4.93
N CYS C 22 9.33 -12.86 4.22
CA CYS C 22 10.03 -12.96 2.94
C CYS C 22 11.49 -13.41 3.12
N GLY C 23 11.97 -13.35 4.35
CA GLY C 23 13.31 -13.84 4.69
C GLY C 23 13.32 -15.29 5.14
N GLY C 24 12.20 -15.98 4.97
CA GLY C 24 12.07 -17.33 5.52
C GLY C 24 12.94 -18.34 4.80
N SER C 25 12.95 -19.58 5.29
CA SER C 25 13.74 -20.64 4.68
C SER C 25 12.91 -21.62 3.86
N HIS C 26 11.60 -21.37 3.74
CA HIS C 26 10.75 -22.20 2.88
C HIS C 26 10.07 -21.31 1.82
N GLN C 27 10.89 -20.51 1.15
CA GLN C 27 10.41 -19.52 0.22
C GLN C 27 10.24 -20.10 -1.18
N SER C 28 9.37 -19.46 -1.95
CA SER C 28 9.16 -19.79 -3.36
C SER C 28 9.53 -18.55 -4.19
N PRO C 29 9.87 -18.72 -5.46
CA PRO C 29 9.95 -19.98 -6.23
C PRO C 29 11.32 -20.64 -6.10
N ILE C 30 11.46 -21.79 -6.72
CA ILE C 30 12.69 -22.57 -6.69
C ILE C 30 12.99 -23.15 -8.07
N ASP C 31 14.23 -23.60 -8.22
CA ASP C 31 14.58 -24.46 -9.35
C ASP C 31 14.38 -25.91 -8.91
N ILE C 32 13.68 -26.69 -9.71
CA ILE C 32 13.46 -28.08 -9.36
C ILE C 32 14.42 -28.99 -10.12
N LEU C 33 15.25 -29.71 -9.38
CA LEU C 33 16.13 -30.69 -9.99
C LEU C 33 15.44 -32.06 -10.02
N ASP C 34 15.06 -32.49 -11.22
CA ASP C 34 14.20 -33.66 -11.33
C ASP C 34 14.85 -34.94 -10.82
N HIS C 35 16.17 -35.04 -10.92
CA HIS C 35 16.84 -36.26 -10.50
C HIS C 35 16.68 -36.46 -8.99
N HIS C 36 16.63 -35.36 -8.25
CA HIS C 36 16.63 -35.45 -6.79
C HIS C 36 15.22 -35.47 -6.20
N ALA C 37 14.21 -35.37 -7.05
CA ALA C 37 12.83 -35.40 -6.56
C ALA C 37 12.44 -36.81 -6.10
N ARG C 38 11.93 -36.88 -4.89
CA ARG C 38 11.44 -38.12 -4.28
C ARG C 38 10.16 -38.59 -4.97
N VAL C 39 10.10 -39.86 -5.35
CA VAL C 39 8.87 -40.37 -5.94
C VAL C 39 7.76 -40.40 -4.89
N GLY C 40 6.57 -39.93 -5.27
CA GLY C 40 5.45 -39.85 -4.36
C GLY C 40 4.52 -41.06 -4.44
N ASP C 41 5.03 -42.21 -4.02
CA ASP C 41 4.29 -43.47 -4.15
C ASP C 41 2.97 -43.47 -3.41
N GLU C 42 2.88 -42.68 -2.34
CA GLU C 42 1.69 -42.68 -1.50
C GLU C 42 0.58 -41.78 -2.02
N TYR C 43 0.87 -41.00 -3.07
CA TYR C 43 -0.08 -40.04 -3.63
C TYR C 43 -1.38 -40.65 -4.17
N GLN C 44 -2.51 -40.03 -3.83
CA GLN C 44 -3.74 -40.27 -4.57
C GLN C 44 -3.60 -39.58 -5.91
N GLU C 45 -4.20 -40.16 -6.95
CA GLU C 45 -4.13 -39.57 -8.29
C GLU C 45 -4.65 -38.13 -8.28
N LEU C 46 -3.95 -37.23 -8.97
CA LEU C 46 -4.40 -35.85 -9.14
C LEU C 46 -5.82 -35.82 -9.68
N GLN C 47 -6.71 -35.07 -9.02
CA GLN C 47 -8.11 -35.01 -9.44
C GLN C 47 -8.59 -33.58 -9.61
N LEU C 48 -8.98 -33.24 -10.84
CA LEU C 48 -9.52 -31.93 -11.16
C LEU C 48 -11.03 -32.02 -11.33
N ASP C 49 -11.74 -31.07 -10.71
CA ASP C 49 -13.19 -31.03 -10.83
C ASP C 49 -13.61 -29.69 -11.42
N GLY C 50 -14.50 -29.74 -12.41
CA GLY C 50 -15.03 -28.54 -13.00
C GLY C 50 -14.13 -27.81 -13.99
N PHE C 51 -12.93 -28.32 -14.26
CA PHE C 51 -12.00 -27.61 -15.17
C PHE C 51 -12.44 -27.70 -16.63
N ASP C 52 -13.31 -28.65 -16.92
CA ASP C 52 -13.78 -28.86 -18.30
C ASP C 52 -14.97 -27.97 -18.65
N ASN C 53 -15.54 -27.30 -17.66
CA ASN C 53 -16.72 -26.46 -17.89
C ASN C 53 -16.37 -25.08 -18.41
N GLU C 54 -17.20 -24.53 -19.29
CA GLU C 54 -16.96 -23.17 -19.74
C GLU C 54 -17.15 -22.20 -18.58
N SER C 55 -16.26 -21.21 -18.50
CA SER C 55 -16.32 -20.19 -17.47
C SER C 55 -17.54 -19.29 -17.64
N SER C 56 -17.92 -18.62 -16.55
CA SER C 56 -18.99 -17.64 -16.56
C SER C 56 -18.58 -16.32 -17.22
N ASN C 57 -19.53 -15.63 -17.82
CA ASN C 57 -19.26 -14.30 -18.34
C ASN C 57 -19.00 -13.29 -17.22
N LYS C 58 -19.24 -13.69 -15.96
CA LYS C 58 -18.91 -12.87 -14.78
C LYS C 58 -17.45 -12.94 -14.36
N THR C 59 -16.72 -13.93 -14.87
CA THR C 59 -15.29 -14.02 -14.63
C THR C 59 -14.63 -12.79 -15.22
N TRP C 60 -13.64 -12.25 -14.53
CA TRP C 60 -13.03 -11.04 -15.02
C TRP C 60 -11.53 -10.97 -14.81
N MET C 61 -10.94 -10.00 -15.48
CA MET C 61 -9.50 -9.88 -15.57
C MET C 61 -9.06 -8.48 -15.17
N LYS C 62 -7.97 -8.39 -14.43
CA LYS C 62 -7.48 -7.12 -13.89
C LYS C 62 -5.97 -6.94 -14.08
N ASN C 63 -5.57 -5.75 -14.52
CA ASN C 63 -4.17 -5.33 -14.51
C ASN C 63 -3.86 -4.73 -13.14
N THR C 64 -3.23 -5.52 -12.27
CA THR C 64 -2.91 -5.04 -10.92
C THR C 64 -1.70 -4.12 -10.88
N GLY C 65 -0.95 -4.02 -11.99
CA GLY C 65 0.29 -3.28 -11.93
C GLY C 65 1.49 -4.20 -11.68
N LYS C 66 1.24 -5.30 -10.96
CA LYS C 66 2.27 -6.30 -10.65
C LYS C 66 2.11 -7.52 -11.55
N THR C 67 0.88 -7.72 -12.02
CA THR C 67 0.57 -8.86 -12.86
C THR C 67 -0.78 -8.62 -13.52
N VAL C 68 -1.22 -9.60 -14.31
CA VAL C 68 -2.60 -9.61 -14.75
C VAL C 68 -3.28 -10.78 -14.04
N ALA C 69 -4.36 -10.48 -13.36
CA ALA C 69 -5.06 -11.47 -12.55
C ALA C 69 -6.42 -11.80 -13.15
N ILE C 70 -6.82 -13.05 -12.98
CA ILE C 70 -8.15 -13.49 -13.35
C ILE C 70 -8.89 -13.92 -12.10
N LEU C 71 -10.03 -13.28 -11.86
CA LEU C 71 -10.83 -13.60 -10.69
C LEU C 71 -11.90 -14.60 -11.10
N LEU C 72 -11.77 -15.84 -10.66
CA LEU C 72 -12.64 -16.92 -11.12
C LEU C 72 -13.99 -16.90 -10.41
N LYS C 73 -15.08 -16.98 -11.17
CA LYS C 73 -16.42 -16.95 -10.61
C LYS C 73 -17.18 -18.25 -10.81
N ASP C 74 -16.46 -19.32 -11.14
CA ASP C 74 -17.06 -20.64 -11.18
C ASP C 74 -16.35 -21.51 -10.16
N ASP C 75 -16.94 -22.66 -9.84
CA ASP C 75 -16.29 -23.59 -8.91
C ASP C 75 -15.29 -24.50 -9.64
N TYR C 76 -14.04 -24.47 -9.19
CA TYR C 76 -13.01 -25.41 -9.64
C TYR C 76 -12.29 -26.02 -8.43
N PHE C 77 -12.08 -27.34 -8.44
CA PHE C 77 -11.47 -28.02 -7.30
C PHE C 77 -10.31 -28.90 -7.73
N VAL C 78 -9.33 -29.04 -6.83
CA VAL C 78 -8.24 -30.00 -7.00
C VAL C 78 -8.08 -30.79 -5.70
N SER C 79 -7.79 -32.08 -5.82
CA SER C 79 -7.58 -32.92 -4.66
C SER C 79 -6.59 -34.02 -5.04
N GLY C 80 -6.14 -34.80 -4.06
CA GLY C 80 -5.11 -35.79 -4.31
C GLY C 80 -3.76 -35.11 -4.47
N ALA C 81 -2.84 -35.78 -5.17
CA ALA C 81 -1.49 -35.27 -5.37
C ALA C 81 -0.83 -34.87 -4.05
N GLY C 82 -1.13 -35.60 -2.97
CA GLY C 82 -0.50 -35.34 -1.70
C GLY C 82 -0.93 -34.04 -1.05
N LEU C 83 -2.06 -33.49 -1.53
CA LEU C 83 -2.62 -32.29 -0.93
C LEU C 83 -3.45 -32.63 0.31
N PRO C 84 -3.37 -31.77 1.33
CA PRO C 84 -4.10 -32.00 2.58
C PRO C 84 -5.58 -31.67 2.43
N GLY C 85 -6.32 -32.52 1.73
CA GLY C 85 -7.73 -32.30 1.51
C GLY C 85 -8.03 -31.66 0.16
N ARG C 86 -9.25 -31.17 0.00
CA ARG C 86 -9.73 -30.66 -1.28
C ARG C 86 -9.74 -29.13 -1.36
N PHE C 87 -9.23 -28.60 -2.46
CA PHE C 87 -9.01 -27.17 -2.59
C PHE C 87 -9.81 -26.53 -3.71
N LYS C 88 -10.26 -25.30 -3.47
CA LYS C 88 -11.11 -24.57 -4.39
C LYS C 88 -10.39 -23.37 -4.98
N ALA C 89 -10.45 -23.20 -6.30
CA ALA C 89 -9.69 -22.15 -6.98
C ALA C 89 -10.31 -20.78 -6.74
N GLU C 90 -9.44 -19.80 -6.54
CA GLU C 90 -9.86 -18.43 -6.31
C GLU C 90 -9.52 -17.55 -7.48
N LYS C 91 -8.27 -17.62 -7.90
CA LYS C 91 -7.78 -16.72 -8.92
C LYS C 91 -6.56 -17.24 -9.64
N VAL C 92 -6.25 -16.58 -10.75
CA VAL C 92 -5.12 -16.90 -11.59
C VAL C 92 -4.20 -15.68 -11.72
N GLU C 93 -2.88 -15.89 -11.63
CA GLU C 93 -1.92 -14.82 -11.92
C GLU C 93 -0.82 -15.26 -12.89
N PHE C 94 -0.26 -14.29 -13.62
CA PHE C 94 0.75 -14.57 -14.64
C PHE C 94 2.09 -13.86 -14.42
N HIS C 95 3.16 -14.50 -14.87
CA HIS C 95 4.52 -13.97 -14.82
C HIS C 95 5.16 -14.16 -16.18
N TRP C 96 5.81 -13.12 -16.69
CA TRP C 96 6.36 -13.20 -18.04
C TRP C 96 7.66 -12.41 -18.14
N GLY C 97 8.29 -12.52 -19.30
CA GLY C 97 9.60 -11.94 -19.52
C GLY C 97 9.55 -10.58 -20.20
N HIS C 98 10.27 -10.47 -21.29
CA HIS C 98 10.58 -9.17 -21.87
C HIS C 98 10.22 -9.09 -23.35
N SER C 99 10.64 -10.12 -24.10
CA SER C 99 10.51 -10.10 -25.54
C SER C 99 11.01 -11.40 -26.11
N ASN C 100 10.51 -11.74 -27.29
CA ASN C 100 10.99 -12.90 -28.04
C ASN C 100 11.01 -14.17 -27.19
N GLY C 101 10.07 -14.29 -26.26
CA GLY C 101 9.99 -15.44 -25.39
C GLY C 101 11.13 -15.59 -24.39
N SER C 102 11.74 -14.48 -23.98
CA SER C 102 12.78 -14.53 -22.96
C SER C 102 12.23 -15.08 -21.64
N ALA C 103 13.11 -15.51 -20.75
CA ALA C 103 12.69 -16.18 -19.53
C ALA C 103 11.77 -15.28 -18.69
N GLY C 104 10.61 -15.81 -18.33
CA GLY C 104 9.68 -15.08 -17.50
C GLY C 104 9.11 -15.89 -16.35
N SER C 105 9.39 -17.19 -16.33
CA SER C 105 8.79 -18.02 -15.30
C SER C 105 9.48 -17.81 -13.94
N GLU C 106 8.78 -18.14 -12.88
CA GLU C 106 9.36 -18.02 -11.54
C GLU C 106 10.09 -19.31 -11.18
N HIS C 107 9.37 -20.43 -11.32
CA HIS C 107 10.00 -21.74 -11.14
C HIS C 107 10.76 -22.12 -12.39
N SER C 108 11.59 -23.13 -12.27
CA SER C 108 12.29 -23.71 -13.40
C SER C 108 12.48 -25.19 -13.13
N VAL C 109 12.74 -25.98 -14.18
CA VAL C 109 12.98 -27.40 -14.00
C VAL C 109 14.31 -27.70 -14.63
N ASN C 110 15.20 -28.28 -13.84
CA ASN C 110 16.59 -28.52 -14.24
C ASN C 110 17.20 -27.28 -14.85
N GLY C 111 16.89 -26.12 -14.26
CA GLY C 111 17.49 -24.88 -14.72
C GLY C 111 16.82 -24.25 -15.93
N ARG C 112 15.82 -24.92 -16.50
CA ARG C 112 15.15 -24.34 -17.65
C ARG C 112 13.97 -23.48 -17.22
N ARG C 113 14.04 -22.21 -17.61
CA ARG C 113 12.93 -21.27 -17.43
C ARG C 113 12.06 -21.20 -18.68
N PHE C 114 10.85 -20.69 -18.53
CA PHE C 114 9.89 -20.65 -19.62
C PHE C 114 9.41 -19.22 -19.83
N PRO C 115 8.87 -18.92 -21.02
CA PRO C 115 8.45 -17.54 -21.31
C PRO C 115 7.34 -17.02 -20.43
N VAL C 116 6.46 -17.90 -19.96
CA VAL C 116 5.38 -17.50 -19.06
C VAL C 116 5.20 -18.56 -17.99
N GLU C 117 4.89 -18.11 -16.78
CA GLU C 117 4.36 -18.99 -15.75
C GLU C 117 3.00 -18.48 -15.30
N MET C 118 2.01 -19.35 -15.33
CA MET C 118 0.68 -19.05 -14.83
C MET C 118 0.49 -19.76 -13.51
N GLN C 119 -0.07 -19.08 -12.53
CA GLN C 119 -0.28 -19.66 -11.21
C GLN C 119 -1.75 -19.62 -10.84
N ILE C 120 -2.25 -20.71 -10.29
CA ILE C 120 -3.63 -20.75 -9.85
C ILE C 120 -3.62 -20.94 -8.35
N PHE C 121 -4.33 -20.06 -7.64
CA PHE C 121 -4.34 -20.14 -6.17
C PHE C 121 -5.66 -20.71 -5.64
N PHE C 122 -5.53 -21.58 -4.63
CA PHE C 122 -6.65 -22.35 -4.07
C PHE C 122 -6.71 -22.22 -2.55
N TYR C 123 -7.91 -22.31 -2.00
CA TYR C 123 -8.09 -22.44 -0.56
C TYR C 123 -9.00 -23.61 -0.24
N ASN C 124 -8.93 -24.09 1.00
CA ASN C 124 -9.77 -25.18 1.44
C ASN C 124 -11.07 -24.66 2.03
N PRO C 125 -12.18 -24.88 1.32
CA PRO C 125 -13.49 -24.38 1.75
C PRO C 125 -14.00 -25.10 3.01
N ASP C 126 -13.55 -26.33 3.23
CA ASP C 126 -13.99 -27.11 4.40
C ASP C 126 -13.47 -26.50 5.70
N ASP C 127 -12.56 -25.54 5.57
CA ASP C 127 -12.01 -24.83 6.73
C ASP C 127 -12.42 -23.36 6.74
N PHE C 128 -12.26 -22.68 5.61
CA PHE C 128 -12.49 -21.25 5.55
C PHE C 128 -13.48 -20.89 4.48
N ASP C 129 -14.24 -19.83 4.73
CA ASP C 129 -15.38 -19.49 3.88
C ASP C 129 -14.94 -18.67 2.68
N SER C 130 -13.70 -18.21 2.69
CA SER C 130 -13.15 -17.44 1.58
C SER C 130 -11.63 -17.54 1.52
N PHE C 131 -11.06 -17.19 0.38
CA PHE C 131 -9.62 -17.21 0.18
C PHE C 131 -8.97 -16.14 1.06
N GLN C 132 -9.74 -15.07 1.26
CA GLN C 132 -9.30 -13.93 2.03
C GLN C 132 -9.09 -14.37 3.48
N THR C 133 -10.10 -15.04 4.02
CA THR C 133 -9.99 -15.66 5.32
C THR C 133 -8.76 -16.56 5.41
N ALA C 134 -8.59 -17.45 4.43
CA ALA C 134 -7.51 -18.44 4.49
C ALA C 134 -6.16 -17.78 4.71
N ILE C 135 -5.86 -16.76 3.90
CA ILE C 135 -4.60 -16.03 3.98
C ILE C 135 -4.37 -15.38 5.35
N SER C 136 -5.37 -14.67 5.85
CA SER C 136 -5.22 -13.90 7.09
C SER C 136 -5.07 -14.82 8.30
N GLU C 137 -5.82 -15.93 8.32
CA GLU C 137 -5.65 -16.95 9.35
C GLU C 137 -4.31 -17.66 9.18
N ASN C 138 -3.57 -17.28 8.14
CA ASN C 138 -2.27 -17.86 7.80
C ASN C 138 -2.30 -19.37 7.83
N ARG C 139 -3.27 -19.94 7.13
CA ARG C 139 -3.38 -21.38 7.03
C ARG C 139 -3.05 -21.86 5.63
N ILE C 140 -2.89 -23.17 5.49
CA ILE C 140 -2.40 -23.76 4.26
C ILE C 140 -3.32 -23.45 3.09
N ILE C 141 -2.73 -22.89 2.03
CA ILE C 141 -3.41 -22.74 0.76
C ILE C 141 -2.69 -23.59 -0.28
N GLY C 142 -3.28 -23.74 -1.45
CA GLY C 142 -2.68 -24.54 -2.50
C GLY C 142 -2.40 -23.67 -3.70
N ALA C 143 -1.42 -24.06 -4.49
CA ALA C 143 -1.14 -23.34 -5.74
C ALA C 143 -0.63 -24.28 -6.82
N MET C 144 -1.05 -24.02 -8.06
CA MET C 144 -0.54 -24.68 -9.24
C MET C 144 0.33 -23.74 -10.04
N ALA C 145 1.49 -24.22 -10.48
CA ALA C 145 2.29 -23.50 -11.44
C ALA C 145 2.26 -24.19 -12.81
N ILE C 146 1.92 -23.44 -13.85
CA ILE C 146 1.90 -23.97 -15.22
C ILE C 146 2.86 -23.17 -16.09
N PHE C 147 3.71 -23.87 -16.82
CA PHE C 147 4.60 -23.21 -17.78
C PHE C 147 3.95 -23.12 -19.15
N PHE C 148 4.25 -22.05 -19.88
CA PHE C 148 3.93 -21.97 -21.31
C PHE C 148 5.20 -21.98 -22.13
N GLN C 149 5.16 -22.56 -23.32
CA GLN C 149 6.31 -22.57 -24.21
C GLN C 149 5.90 -22.17 -25.62
N VAL C 150 6.82 -21.53 -26.34
CA VAL C 150 6.52 -20.99 -27.65
C VAL C 150 6.14 -22.09 -28.63
N SER C 151 5.06 -21.85 -29.38
CA SER C 151 4.65 -22.76 -30.43
C SER C 151 4.63 -22.04 -31.77
N PRO C 152 4.89 -22.77 -32.86
CA PRO C 152 4.77 -22.17 -34.19
C PRO C 152 3.35 -21.68 -34.49
N ARG C 153 2.36 -22.29 -33.87
CA ARG C 153 0.96 -22.00 -34.21
C ARG C 153 0.23 -21.34 -33.05
N ASP C 154 -0.72 -20.47 -33.35
CA ASP C 154 -1.56 -19.91 -32.31
C ASP C 154 -2.31 -21.02 -31.59
N ASN C 155 -2.38 -20.95 -30.27
CA ASN C 155 -3.22 -21.87 -29.51
C ASN C 155 -4.58 -21.21 -29.29
N SER C 156 -5.56 -21.57 -30.10
CA SER C 156 -6.83 -20.83 -30.14
C SER C 156 -7.65 -21.02 -28.85
N ALA C 157 -7.27 -21.97 -28.01
CA ALA C 157 -7.98 -22.16 -26.76
C ALA C 157 -7.63 -21.04 -25.78
N LEU C 158 -6.56 -20.30 -26.07
CA LEU C 158 -6.17 -19.16 -25.25
C LEU C 158 -6.87 -17.87 -25.68
N ASP C 159 -7.59 -17.89 -26.80
CA ASP C 159 -8.17 -16.66 -27.36
C ASP C 159 -8.87 -15.77 -26.33
N PRO C 160 -9.71 -16.34 -25.43
CA PRO C 160 -10.38 -15.43 -24.48
C PRO C 160 -9.40 -14.74 -23.54
N ILE C 161 -8.30 -15.42 -23.22
CA ILE C 161 -7.29 -14.85 -22.32
C ILE C 161 -6.51 -13.77 -23.05
N ILE C 162 -6.06 -14.07 -24.26
CA ILE C 162 -5.28 -13.12 -25.03
C ILE C 162 -6.13 -11.87 -25.34
N HIS C 163 -7.38 -12.07 -25.72
CA HIS C 163 -8.30 -10.95 -25.92
C HIS C 163 -8.47 -10.11 -24.65
N GLY C 164 -8.55 -10.78 -23.50
CA GLY C 164 -8.59 -10.10 -22.23
C GLY C 164 -7.41 -9.17 -22.03
N LEU C 165 -6.22 -9.70 -22.25
CA LEU C 165 -4.97 -8.93 -22.10
C LEU C 165 -4.98 -7.67 -22.94
N LYS C 166 -5.48 -7.79 -24.16
CA LYS C 166 -5.66 -6.64 -25.06
C LYS C 166 -6.59 -5.60 -24.45
N GLY C 167 -7.45 -6.00 -23.54
CA GLY C 167 -8.40 -5.07 -22.94
C GLY C 167 -7.92 -4.50 -21.62
N VAL C 168 -6.74 -4.92 -21.16
CA VAL C 168 -6.26 -4.40 -19.87
C VAL C 168 -4.82 -3.90 -19.95
N VAL C 169 -4.53 -3.11 -20.97
CA VAL C 169 -3.16 -2.67 -21.23
C VAL C 169 -2.59 -1.89 -20.06
N HIS C 170 -3.38 -0.99 -19.50
CA HIS C 170 -2.85 -0.13 -18.45
C HIS C 170 -3.20 -0.55 -17.03
N HIS C 171 -2.30 -0.25 -16.10
CA HIS C 171 -2.53 -0.38 -14.66
C HIS C 171 -3.96 0.02 -14.24
N GLU C 172 -4.64 -0.91 -13.55
CA GLU C 172 -5.98 -0.78 -12.98
C GLU C 172 -7.11 -1.09 -13.95
N LYS C 173 -6.81 -1.33 -15.23
CA LYS C 173 -7.87 -1.67 -16.18
C LYS C 173 -8.47 -3.04 -15.84
N GLU C 174 -9.75 -3.20 -16.12
CA GLU C 174 -10.49 -4.42 -15.81
C GLU C 174 -11.36 -4.77 -17.00
N THR C 175 -11.55 -6.06 -17.26
CA THR C 175 -12.48 -6.48 -18.28
C THR C 175 -13.14 -7.82 -17.90
N PHE C 176 -14.38 -8.02 -18.34
CA PHE C 176 -14.99 -9.34 -18.26
C PHE C 176 -14.35 -10.21 -19.35
N LEU C 177 -14.30 -11.50 -19.11
CA LEU C 177 -13.70 -12.43 -20.07
C LEU C 177 -14.78 -13.22 -20.79
N ASP C 178 -14.55 -13.46 -22.07
CA ASP C 178 -15.30 -14.47 -22.78
C ASP C 178 -15.13 -15.82 -22.08
N PRO C 179 -16.10 -16.72 -22.25
CA PRO C 179 -15.99 -18.07 -21.69
C PRO C 179 -14.77 -18.82 -22.21
N PHE C 180 -14.01 -19.39 -21.28
CA PHE C 180 -12.88 -20.22 -21.64
C PHE C 180 -12.93 -21.49 -20.79
N ILE C 181 -12.14 -22.48 -21.20
CA ILE C 181 -12.06 -23.76 -20.52
C ILE C 181 -10.77 -23.79 -19.73
N LEU C 182 -10.86 -23.79 -18.41
CA LEU C 182 -9.65 -23.67 -17.59
C LEU C 182 -8.69 -24.85 -17.81
N ARG C 183 -9.23 -26.01 -18.15
CA ARG C 183 -8.41 -27.18 -18.47
C ARG C 183 -7.44 -26.91 -19.64
N ASP C 184 -7.85 -26.03 -20.56
CA ASP C 184 -7.01 -25.65 -21.70
C ASP C 184 -5.77 -24.88 -21.27
N LEU C 185 -5.78 -24.34 -20.06
CA LEU C 185 -4.62 -23.58 -19.57
C LEU C 185 -3.67 -24.45 -18.77
N LEU C 186 -3.92 -25.77 -18.74
CA LEU C 186 -2.99 -26.72 -18.14
C LEU C 186 -2.41 -27.62 -19.23
N PRO C 187 -1.26 -28.24 -18.97
CA PRO C 187 -0.68 -29.09 -20.02
C PRO C 187 -1.53 -30.30 -20.43
N ALA C 188 -1.28 -30.83 -21.62
CA ALA C 188 -1.97 -32.05 -22.10
C ALA C 188 -1.83 -33.21 -21.12
N SER C 189 -0.60 -33.51 -20.71
CA SER C 189 -0.36 -34.56 -19.73
C SER C 189 -0.15 -33.96 -18.37
N LEU C 190 -0.95 -34.41 -17.41
CA LEU C 190 -0.85 -33.99 -16.03
C LEU C 190 -0.15 -35.06 -15.22
N GLY C 191 0.36 -36.05 -15.92
CA GLY C 191 1.01 -37.19 -15.28
C GLY C 191 2.29 -36.80 -14.55
N SER C 192 2.99 -35.79 -15.05
CA SER C 192 4.25 -35.39 -14.44
C SER C 192 4.11 -34.03 -13.78
N TYR C 193 4.16 -34.04 -12.45
CA TYR C 193 4.19 -32.79 -11.72
C TYR C 193 5.10 -32.96 -10.52
N TYR C 194 5.44 -31.83 -9.89
CA TYR C 194 6.27 -31.83 -8.69
C TYR C 194 5.49 -31.28 -7.52
N ARG C 195 5.82 -31.76 -6.32
CA ARG C 195 5.20 -31.21 -5.12
C ARG C 195 6.28 -30.74 -4.16
N TYR C 196 6.06 -29.60 -3.52
CA TYR C 196 6.95 -29.13 -2.45
C TYR C 196 6.20 -28.11 -1.60
N THR C 197 6.65 -27.90 -0.36
CA THR C 197 6.02 -26.93 0.53
C THR C 197 6.78 -25.61 0.41
N GLY C 198 6.04 -24.51 0.31
CA GLY C 198 6.65 -23.25 -0.05
C GLY C 198 5.87 -22.04 0.41
N SER C 199 5.97 -20.97 -0.37
CA SER C 199 5.45 -19.68 0.06
C SER C 199 4.73 -18.95 -1.05
N LEU C 200 4.08 -17.83 -0.70
CA LEU C 200 3.64 -16.88 -1.70
C LEU C 200 4.90 -16.32 -2.32
N THR C 201 4.86 -16.01 -3.62
CA THR C 201 6.04 -15.45 -4.27
C THR C 201 5.97 -13.93 -4.35
N THR C 202 5.04 -13.34 -3.60
CA THR C 202 4.98 -11.90 -3.41
C THR C 202 4.75 -11.64 -1.93
N PRO C 203 5.08 -10.43 -1.44
CA PRO C 203 4.75 -10.15 -0.05
C PRO C 203 3.27 -10.41 0.22
N PRO C 204 2.91 -10.90 1.41
CA PRO C 204 3.76 -11.11 2.59
C PRO C 204 4.64 -12.40 2.59
N CYS C 205 4.74 -13.09 1.45
CA CYS C 205 5.63 -14.28 1.33
C CYS C 205 5.35 -15.38 2.35
N SER C 206 4.09 -15.52 2.73
CA SER C 206 3.73 -16.43 3.81
C SER C 206 4.06 -17.87 3.42
N GLU C 207 4.69 -18.62 4.33
CA GLU C 207 5.09 -20.00 4.10
C GLU C 207 3.95 -20.95 4.45
N ILE C 208 2.93 -20.95 3.61
CA ILE C 208 1.70 -21.68 3.85
C ILE C 208 1.24 -22.37 2.57
N VAL C 209 2.06 -22.32 1.52
CA VAL C 209 1.61 -22.77 0.22
C VAL C 209 2.09 -24.18 -0.10
N GLU C 210 1.13 -25.06 -0.41
CA GLU C 210 1.45 -26.36 -0.97
C GLU C 210 1.45 -26.26 -2.49
N TRP C 211 2.62 -26.39 -3.10
CA TRP C 211 2.78 -26.12 -4.53
C TRP C 211 2.67 -27.40 -5.36
N ILE C 212 1.90 -27.31 -6.43
CA ILE C 212 1.93 -28.28 -7.53
C ILE C 212 2.53 -27.57 -8.73
N VAL C 213 3.60 -28.12 -9.28
CA VAL C 213 4.27 -27.54 -10.44
C VAL C 213 4.26 -28.55 -11.56
N PHE C 214 3.53 -28.27 -12.64
CA PHE C 214 3.48 -29.23 -13.74
C PHE C 214 4.73 -29.14 -14.60
N ARG C 215 5.19 -30.31 -15.03
CA ARG C 215 6.45 -30.35 -15.72
C ARG C 215 6.33 -29.89 -17.16
N ARG C 216 5.28 -30.33 -17.86
CA ARG C 216 5.13 -30.04 -19.28
C ARG C 216 4.46 -28.69 -19.51
N PRO C 217 4.94 -27.94 -20.52
CA PRO C 217 4.38 -26.63 -20.85
C PRO C 217 3.18 -26.70 -21.82
N VAL C 218 2.41 -25.62 -21.80
CA VAL C 218 1.26 -25.37 -22.66
C VAL C 218 1.73 -24.53 -23.84
N PRO C 219 1.28 -24.84 -25.06
CA PRO C 219 1.81 -24.07 -26.19
C PRO C 219 1.20 -22.66 -26.31
N ILE C 220 2.02 -21.68 -26.72
CA ILE C 220 1.54 -20.33 -27.00
C ILE C 220 2.42 -19.76 -28.11
N SER C 221 1.83 -19.13 -29.12
CA SER C 221 2.60 -18.58 -30.25
C SER C 221 3.32 -17.29 -29.87
N TYR C 222 4.32 -16.90 -30.66
CA TYR C 222 4.99 -15.61 -30.44
C TYR C 222 3.96 -14.47 -30.55
N HIS C 223 3.08 -14.58 -31.53
CA HIS C 223 2.04 -13.58 -31.74
C HIS C 223 1.20 -13.42 -30.47
N GLN C 224 0.79 -14.53 -29.86
CA GLN C 224 -0.01 -14.44 -28.64
C GLN C 224 0.78 -13.88 -27.48
N LEU C 225 2.07 -14.22 -27.43
CA LEU C 225 2.94 -13.73 -26.34
C LEU C 225 3.04 -12.20 -26.37
N GLU C 226 2.93 -11.61 -27.55
CA GLU C 226 2.98 -10.14 -27.67
C GLU C 226 1.91 -9.44 -26.83
N ALA C 227 0.81 -10.15 -26.57
CA ALA C 227 -0.22 -9.54 -25.74
C ALA C 227 0.29 -9.35 -24.30
N PHE C 228 1.17 -10.23 -23.83
CA PHE C 228 1.78 -10.04 -22.51
C PHE C 228 2.78 -8.91 -22.54
N TYR C 229 3.58 -8.86 -23.61
CA TYR C 229 4.64 -7.86 -23.72
C TYR C 229 4.08 -6.45 -23.92
N SER C 230 2.79 -6.37 -24.19
CA SER C 230 2.12 -5.08 -24.47
C SER C 230 1.50 -4.48 -23.23
N ILE C 231 1.67 -5.16 -22.10
CA ILE C 231 1.09 -4.71 -20.84
C ILE C 231 1.96 -3.65 -20.19
N PHE C 232 1.31 -2.57 -19.73
CA PHE C 232 1.98 -1.49 -19.02
C PHE C 232 1.63 -1.49 -17.56
N THR C 233 2.43 -0.77 -16.79
CA THR C 233 2.16 -0.57 -15.39
C THR C 233 2.52 0.85 -15.07
N THR C 234 2.67 1.11 -13.78
CA THR C 234 2.99 2.41 -13.28
C THR C 234 4.08 2.26 -12.24
N GLU C 235 5.01 3.21 -12.19
CA GLU C 235 5.99 3.20 -11.12
C GLU C 235 5.74 4.43 -10.27
N GLN C 236 5.39 4.20 -9.00
CA GLN C 236 5.06 5.29 -8.10
C GLN C 236 6.24 5.54 -7.19
N GLN C 237 6.84 6.70 -7.32
CA GLN C 237 7.97 7.04 -6.47
C GLN C 237 7.55 8.11 -5.46
N ASP C 238 8.53 8.74 -4.84
CA ASP C 238 8.28 9.80 -3.89
C ASP C 238 7.41 10.86 -4.50
N HIS C 239 7.92 11.52 -5.53
CA HIS C 239 7.20 12.62 -6.13
C HIS C 239 7.16 12.54 -7.65
N VAL C 240 7.25 11.31 -8.16
CA VAL C 240 7.06 11.04 -9.58
C VAL C 240 6.22 9.80 -9.75
N LYS C 241 5.34 9.83 -10.74
CA LYS C 241 4.68 8.63 -11.21
C LYS C 241 4.98 8.53 -12.70
N SER C 242 5.33 7.34 -13.16
CA SER C 242 5.61 7.16 -14.58
C SER C 242 4.92 5.93 -15.13
N VAL C 243 4.63 5.95 -16.43
CA VAL C 243 4.07 4.80 -17.12
C VAL C 243 5.23 3.97 -17.68
N GLU C 244 5.19 2.67 -17.41
CA GLU C 244 6.31 1.78 -17.70
C GLU C 244 5.81 0.45 -18.25
N TYR C 245 6.57 -0.19 -19.13
CA TYR C 245 6.25 -1.56 -19.55
C TYR C 245 6.18 -2.46 -18.32
N LEU C 246 5.20 -3.35 -18.27
CA LEU C 246 5.18 -4.32 -17.20
C LEU C 246 5.85 -5.58 -17.76
N ARG C 247 7.08 -5.83 -17.31
CA ARG C 247 7.90 -6.92 -17.87
C ARG C 247 8.77 -7.55 -16.78
N ASN C 248 9.21 -8.78 -17.01
CA ASN C 248 10.08 -9.49 -16.06
C ASN C 248 9.55 -9.46 -14.63
N ASN C 249 8.26 -9.71 -14.49
CA ASN C 249 7.60 -9.62 -13.20
C ASN C 249 7.63 -10.98 -12.49
N PHE C 250 8.84 -11.40 -12.12
CA PHE C 250 9.07 -12.66 -11.44
C PHE C 250 10.02 -12.44 -10.26
N ARG C 251 9.84 -13.21 -9.19
CA ARG C 251 10.70 -13.16 -8.03
C ARG C 251 11.92 -14.02 -8.27
N PRO C 252 13.10 -13.55 -7.85
CA PRO C 252 14.33 -14.37 -7.87
C PRO C 252 14.11 -15.69 -7.12
N GLN C 253 14.82 -16.75 -7.52
CA GLN C 253 14.57 -18.04 -6.90
C GLN C 253 15.21 -18.14 -5.53
N GLN C 254 14.77 -19.12 -4.76
CA GLN C 254 15.08 -19.22 -3.34
C GLN C 254 15.72 -20.57 -3.01
N ALA C 255 16.53 -20.61 -1.97
CA ALA C 255 17.19 -21.86 -1.58
C ALA C 255 16.21 -22.90 -1.02
N LEU C 256 16.44 -24.16 -1.36
CA LEU C 256 15.66 -25.28 -0.83
C LEU C 256 15.84 -25.44 0.66
N ASN C 257 17.08 -25.24 1.10
CA ASN C 257 17.45 -25.49 2.48
C ASN C 257 17.14 -26.94 2.86
N ASP C 258 16.29 -27.18 3.85
CA ASP C 258 16.01 -28.54 4.29
C ASP C 258 15.04 -29.32 3.41
N ARG C 259 14.37 -28.63 2.49
CA ARG C 259 13.25 -29.22 1.75
C ARG C 259 13.70 -30.22 0.69
N VAL C 260 12.84 -31.18 0.41
CA VAL C 260 13.02 -31.99 -0.78
C VAL C 260 11.78 -31.84 -1.65
N VAL C 261 11.95 -31.96 -2.95
CA VAL C 261 10.84 -31.87 -3.87
C VAL C 261 10.38 -33.30 -4.17
N SER C 262 9.07 -33.49 -4.25
CA SER C 262 8.53 -34.80 -4.59
C SER C 262 8.03 -34.76 -6.03
N LYS C 263 8.07 -35.90 -6.72
CA LYS C 263 7.45 -35.96 -8.05
C LYS C 263 6.42 -37.08 -8.13
N SER C 264 5.52 -36.98 -9.10
CA SER C 264 4.48 -37.96 -9.26
C SER C 264 5.06 -39.25 -9.85
N SER D 1 -8.67 31.59 10.12
CA SER D 1 -7.90 30.42 10.54
C SER D 1 -7.32 29.64 9.36
N ALA D 2 -7.73 30.00 8.14
CA ALA D 2 -7.16 29.41 6.95
C ALA D 2 -5.65 29.65 6.87
N TYR D 3 -4.89 28.65 6.45
CA TYR D 3 -3.43 28.76 6.44
C TYR D 3 -2.77 27.72 5.53
N ILE D 4 -1.48 27.90 5.26
CA ILE D 4 -0.69 26.88 4.60
C ILE D 4 0.77 26.95 5.05
N GLU D 5 1.33 25.79 5.41
CA GLU D 5 2.70 25.74 5.92
C GLU D 5 3.66 25.72 4.74
N ASP D 6 4.91 26.10 4.97
CA ASP D 6 5.93 25.96 3.93
C ASP D 6 6.28 24.49 3.74
N PHE D 7 6.76 24.14 2.56
CA PHE D 7 7.29 22.80 2.32
C PHE D 7 8.50 22.56 3.24
N GLU D 8 8.61 21.37 3.80
CA GLU D 8 9.77 21.03 4.62
C GLU D 8 10.99 20.70 3.76
N THR D 9 10.79 19.84 2.77
CA THR D 9 11.87 19.36 1.91
C THR D 9 12.59 20.49 1.17
N LYS D 10 13.93 20.47 1.21
CA LYS D 10 14.73 21.54 0.62
C LYS D 10 15.02 21.29 -0.87
N THR D 11 15.21 20.02 -1.23
CA THR D 11 15.48 19.64 -2.62
C THR D 11 14.89 18.26 -2.92
N ARG D 12 14.44 18.06 -4.15
CA ARG D 12 13.91 16.76 -4.55
C ARG D 12 14.88 16.00 -5.41
N SER D 13 14.79 14.67 -5.36
CA SER D 13 15.63 13.80 -6.16
C SER D 13 15.52 14.15 -7.63
N THR D 14 16.60 14.01 -8.37
CA THR D 14 16.52 14.17 -9.82
C THR D 14 15.55 13.14 -10.40
N VAL D 15 14.71 13.60 -11.32
CA VAL D 15 13.79 12.74 -12.05
C VAL D 15 14.40 12.31 -13.39
N SER D 16 14.76 11.03 -13.50
CA SER D 16 15.31 10.50 -14.74
C SER D 16 14.24 9.68 -15.44
N VAL D 17 13.79 10.17 -16.59
CA VAL D 17 12.72 9.48 -17.30
C VAL D 17 13.09 9.27 -18.75
N ARG D 18 12.41 8.33 -19.41
CA ARG D 18 12.67 8.08 -20.81
C ARG D 18 11.91 9.07 -21.68
N GLU D 19 12.58 9.57 -22.71
CA GLU D 19 11.91 10.36 -23.73
C GLU D 19 10.73 9.57 -24.28
N GLY D 20 9.57 10.21 -24.39
CA GLY D 20 8.40 9.51 -24.91
C GLY D 20 7.50 8.96 -23.81
N GLN D 21 7.97 9.01 -22.58
CA GLN D 21 7.31 8.35 -21.46
C GLN D 21 6.26 9.25 -20.83
N GLY D 22 5.15 8.67 -20.38
CA GLY D 22 4.17 9.42 -19.61
C GLY D 22 4.69 9.62 -18.20
N VAL D 23 4.65 10.85 -17.72
CA VAL D 23 5.22 11.17 -16.40
C VAL D 23 4.32 12.15 -15.62
N VAL D 24 4.15 11.90 -14.33
CA VAL D 24 3.49 12.86 -13.43
C VAL D 24 4.43 13.35 -12.33
N LEU D 25 4.51 14.67 -12.14
CA LEU D 25 5.21 15.22 -10.98
C LEU D 25 4.22 15.49 -9.84
N LEU D 26 4.42 14.89 -8.68
CA LEU D 26 3.47 15.04 -7.58
C LEU D 26 3.75 16.33 -6.81
N CYS D 27 2.73 17.17 -6.69
CA CYS D 27 2.87 18.41 -5.94
C CYS D 27 3.08 18.11 -4.46
N GLY D 28 2.11 17.44 -3.86
CA GLY D 28 2.15 17.09 -2.44
C GLY D 28 2.18 18.30 -1.52
N PRO D 29 1.09 19.09 -1.51
CA PRO D 29 1.05 20.31 -0.70
C PRO D 29 1.16 20.01 0.79
N PRO D 30 1.86 20.88 1.51
CA PRO D 30 2.09 20.74 2.95
C PRO D 30 0.78 20.91 3.74
N PRO D 31 0.80 20.68 5.07
CA PRO D 31 -0.43 20.85 5.83
C PRO D 31 -1.05 22.23 5.66
N HIS D 32 -2.37 22.29 5.69
CA HIS D 32 -3.09 23.50 5.35
C HIS D 32 -4.54 23.42 5.82
N PHE D 33 -5.19 24.57 5.85
CA PHE D 33 -6.63 24.65 6.05
C PHE D 33 -7.18 25.67 5.04
N GLY D 34 -8.08 25.22 4.19
CA GLY D 34 -8.64 26.08 3.16
C GLY D 34 -8.38 25.50 1.80
N GLU D 35 -9.20 25.86 0.81
CA GLU D 35 -9.10 25.31 -0.53
C GLU D 35 -7.82 25.77 -1.23
N LEU D 36 -7.20 24.87 -1.97
CA LEU D 36 -5.93 25.18 -2.62
C LEU D 36 -6.10 25.29 -4.13
N SER D 37 -5.25 26.12 -4.75
CA SER D 37 -5.13 26.17 -6.21
C SER D 37 -3.65 26.02 -6.52
N TYR D 38 -3.34 25.69 -7.77
CA TYR D 38 -2.02 25.15 -8.06
C TYR D 38 -1.44 25.69 -9.34
N ALA D 39 -0.11 25.76 -9.36
CA ALA D 39 0.65 26.09 -10.56
C ALA D 39 2.03 25.46 -10.42
N TRP D 40 2.78 25.43 -11.51
CA TRP D 40 4.16 24.95 -11.44
C TRP D 40 5.08 26.00 -12.04
N THR D 41 6.36 26.00 -11.63
CA THR D 41 7.34 26.88 -12.25
C THR D 41 8.37 26.02 -12.97
N PHE D 42 8.94 26.57 -14.02
CA PHE D 42 9.97 25.86 -14.78
C PHE D 42 11.14 26.78 -14.96
N ASN D 43 12.30 26.37 -14.44
CA ASN D 43 13.50 27.19 -14.43
C ASN D 43 13.24 28.62 -13.92
N ASP D 44 12.54 28.69 -12.78
CA ASP D 44 12.29 29.93 -12.02
C ASP D 44 11.19 30.80 -12.62
N SER D 45 10.55 30.32 -13.68
CA SER D 45 9.47 31.07 -14.29
C SER D 45 8.16 30.29 -14.24
N PRO D 46 7.05 30.97 -13.90
CA PRO D 46 5.73 30.33 -13.99
C PRO D 46 5.54 29.63 -15.34
N LEU D 47 5.08 28.39 -15.28
CA LEU D 47 4.94 27.55 -16.45
C LEU D 47 3.51 27.54 -16.95
N TYR D 48 3.29 28.18 -18.10
CA TYR D 48 1.97 28.24 -18.71
C TYR D 48 1.73 27.04 -19.65
N VAL D 49 0.86 26.11 -19.24
CA VAL D 49 0.62 24.92 -20.06
C VAL D 49 -0.82 24.84 -20.59
N GLN D 50 -1.59 25.91 -20.43
CA GLN D 50 -3.02 25.87 -20.71
C GLN D 50 -3.37 25.93 -22.19
N GLU D 51 -2.37 26.08 -23.05
CA GLU D 51 -2.64 25.99 -24.48
C GLU D 51 -1.83 24.86 -25.10
N ASP D 52 -1.40 23.92 -24.27
CA ASP D 52 -0.59 22.79 -24.69
C ASP D 52 -1.30 21.49 -24.34
N LYS D 53 -1.67 20.71 -25.35
CA LYS D 53 -2.36 19.43 -25.09
C LYS D 53 -1.43 18.36 -24.51
N ARG D 54 -0.13 18.63 -24.52
CA ARG D 54 0.84 17.67 -24.01
C ARG D 54 1.09 17.79 -22.50
N ARG D 55 0.79 18.96 -21.92
CA ARG D 55 1.06 19.12 -20.49
C ARG D 55 -0.17 19.70 -19.77
N PHE D 56 -0.32 19.36 -18.49
CA PHE D 56 -1.55 19.69 -17.77
C PHE D 56 -1.30 19.78 -16.28
N VAL D 57 -1.84 20.82 -15.64
CA VAL D 57 -1.83 20.89 -14.18
C VAL D 57 -3.23 20.67 -13.65
N SER D 58 -3.44 19.68 -12.79
CA SER D 58 -4.76 19.49 -12.22
C SER D 58 -4.98 20.47 -11.06
N GLN D 59 -6.17 21.07 -11.00
CA GLN D 59 -6.52 21.98 -9.91
C GLN D 59 -7.11 21.22 -8.73
N ASP D 60 -7.31 19.91 -8.91
CA ASP D 60 -7.80 19.07 -7.83
C ASP D 60 -6.66 18.34 -7.14
N THR D 61 -5.78 17.73 -7.93
CA THR D 61 -4.63 17.01 -7.37
C THR D 61 -3.41 17.91 -7.17
N GLY D 62 -3.32 18.96 -7.99
CA GLY D 62 -2.16 19.83 -7.96
C GLY D 62 -0.97 19.33 -8.77
N ASN D 63 -1.09 18.14 -9.33
CA ASN D 63 0.03 17.53 -10.04
C ASN D 63 0.24 18.08 -11.45
N LEU D 64 1.45 17.94 -11.95
CA LEU D 64 1.81 18.30 -13.32
C LEU D 64 1.96 17.04 -14.15
N TYR D 65 1.19 16.94 -15.23
CA TYR D 65 1.14 15.74 -16.08
C TYR D 65 1.83 15.99 -17.42
N PHE D 66 2.77 15.13 -17.80
CA PHE D 66 3.37 15.15 -19.13
C PHE D 66 2.82 13.98 -19.91
N ALA D 67 1.97 14.23 -20.89
CA ALA D 67 1.44 13.14 -21.69
C ALA D 67 2.57 12.29 -22.29
N LYS D 68 3.57 12.95 -22.84
CA LYS D 68 4.84 12.28 -23.12
C LYS D 68 5.94 13.30 -22.99
N VAL D 69 7.02 12.89 -22.35
CA VAL D 69 8.10 13.80 -22.04
C VAL D 69 8.99 14.02 -23.26
N GLU D 70 9.47 15.25 -23.43
CA GLU D 70 10.30 15.61 -24.57
C GLU D 70 11.57 16.32 -24.09
N PRO D 71 12.59 16.42 -24.95
CA PRO D 71 13.82 17.09 -24.51
C PRO D 71 13.60 18.51 -23.96
N SER D 72 12.55 19.19 -24.42
CA SER D 72 12.30 20.56 -23.94
C SER D 72 11.87 20.58 -22.46
N ASP D 73 11.45 19.45 -21.93
CA ASP D 73 10.99 19.40 -20.53
C ASP D 73 12.15 19.35 -19.52
N VAL D 74 13.36 19.07 -20.00
CA VAL D 74 14.53 19.00 -19.13
C VAL D 74 14.86 20.32 -18.44
N GLY D 75 14.91 20.29 -17.11
CA GLY D 75 15.17 21.48 -16.32
C GLY D 75 14.56 21.35 -14.94
N ASN D 76 14.33 22.49 -14.27
CA ASN D 76 13.93 22.47 -12.87
C ASN D 76 12.50 22.92 -12.58
N TYR D 77 11.76 22.08 -11.85
CA TYR D 77 10.35 22.35 -11.56
C TYR D 77 10.10 22.61 -10.07
N THR D 78 9.15 23.50 -9.76
CA THR D 78 8.61 23.56 -8.41
C THR D 78 7.08 23.68 -8.44
N CYS D 79 6.45 23.17 -7.40
CA CYS D 79 5.02 23.35 -7.23
C CYS D 79 4.73 24.61 -6.41
N PHE D 80 3.80 25.41 -6.93
CA PHE D 80 3.48 26.71 -6.34
C PHE D 80 2.04 26.62 -5.86
N VAL D 81 1.87 26.51 -4.55
CA VAL D 81 0.58 26.21 -3.98
C VAL D 81 -0.03 27.46 -3.35
N THR D 82 -1.27 27.75 -3.73
CA THR D 82 -1.92 28.93 -3.23
C THR D 82 -3.14 28.55 -2.41
N ASN D 83 -3.22 29.11 -1.22
CA ASN D 83 -4.41 29.06 -0.40
C ASN D 83 -5.22 30.32 -0.64
N LYS D 84 -6.28 30.21 -1.43
CA LYS D 84 -7.08 31.36 -1.81
C LYS D 84 -7.82 32.00 -0.63
N GLU D 85 -8.12 31.21 0.40
CA GLU D 85 -8.76 31.77 1.59
C GLU D 85 -7.76 32.58 2.41
N ALA D 86 -6.56 32.04 2.58
CA ALA D 86 -5.52 32.70 3.35
C ALA D 86 -4.86 33.82 2.55
N HIS D 87 -5.06 33.78 1.24
CA HIS D 87 -4.40 34.71 0.32
C HIS D 87 -2.89 34.66 0.49
N ARG D 88 -2.35 33.45 0.57
CA ARG D 88 -0.92 33.27 0.70
C ARG D 88 -0.49 32.02 -0.05
N SER D 89 0.72 32.06 -0.59
CA SER D 89 1.22 30.96 -1.40
C SER D 89 2.55 30.47 -0.86
N VAL D 90 2.84 29.20 -1.10
CA VAL D 90 4.13 28.62 -0.79
C VAL D 90 4.67 27.84 -1.99
N GLN D 91 5.99 27.71 -2.06
CA GLN D 91 6.62 27.06 -3.19
C GLN D 91 7.36 25.80 -2.76
N GLY D 92 7.22 24.72 -3.53
CA GLY D 92 7.87 23.46 -3.21
C GLY D 92 9.33 23.41 -3.60
N PRO D 93 10.03 22.34 -3.18
CA PRO D 93 11.47 22.22 -3.47
C PRO D 93 11.72 22.03 -4.96
N PRO D 94 12.87 22.53 -5.44
CA PRO D 94 13.22 22.36 -6.85
C PRO D 94 13.36 20.88 -7.20
N THR D 95 12.96 20.55 -8.42
CA THR D 95 12.90 19.18 -8.86
C THR D 95 13.50 19.08 -10.25
N PRO D 96 14.74 18.58 -10.35
CA PRO D 96 15.39 18.49 -11.66
C PRO D 96 14.88 17.30 -12.45
N LEU D 97 14.53 17.54 -13.71
CA LEU D 97 14.12 16.47 -14.60
C LEU D 97 15.17 16.29 -15.71
N VAL D 98 15.51 15.05 -15.99
CA VAL D 98 16.55 14.72 -16.95
C VAL D 98 16.08 13.52 -17.78
N LEU D 99 16.56 13.39 -19.02
CA LEU D 99 16.26 12.21 -19.83
C LEU D 99 17.31 11.11 -19.69
N ARG D 100 16.85 9.87 -19.61
CA ARG D 100 17.76 8.74 -19.68
C ARG D 100 18.29 8.65 -21.09
N THR D 101 19.38 7.91 -21.28
CA THR D 101 19.96 7.77 -22.60
C THR D 101 19.90 6.31 -23.03
N ASP D 102 19.13 5.53 -22.30
CA ASP D 102 19.00 4.10 -22.56
C ASP D 102 17.98 3.80 -23.66
N GLY D 103 17.50 4.85 -24.32
CA GLY D 103 16.55 4.71 -25.40
C GLY D 103 15.30 5.56 -25.19
N VAL D 104 14.30 5.37 -26.04
CA VAL D 104 13.06 6.11 -25.90
C VAL D 104 11.90 5.14 -25.70
N MET D 105 10.81 5.68 -25.17
CA MET D 105 9.58 4.92 -24.98
C MET D 105 8.85 4.84 -26.30
N GLY D 106 8.36 3.65 -26.63
CA GLY D 106 7.56 3.46 -27.82
C GLY D 106 6.15 3.99 -27.68
N GLU D 107 5.34 3.78 -28.71
CA GLU D 107 3.96 4.24 -28.71
C GLU D 107 3.04 3.28 -27.96
N TYR D 108 1.94 3.80 -27.43
CA TYR D 108 0.98 2.99 -26.69
C TYR D 108 -0.31 3.76 -26.48
N GLU D 109 -1.39 3.06 -26.17
CA GLU D 109 -2.70 3.70 -26.06
C GLU D 109 -2.77 4.61 -24.84
N PRO D 110 -3.67 5.59 -24.87
CA PRO D 110 -3.72 6.58 -23.78
C PRO D 110 -4.13 5.94 -22.45
N LYS D 111 -3.62 6.51 -21.37
CA LYS D 111 -4.06 6.14 -20.03
C LYS D 111 -4.60 7.39 -19.36
N ILE D 112 -5.90 7.41 -19.08
CA ILE D 112 -6.45 8.58 -18.37
C ILE D 112 -5.97 8.54 -16.94
N GLU D 113 -5.15 9.53 -16.59
CA GLU D 113 -4.49 9.64 -15.28
C GLU D 113 -5.26 10.52 -14.30
N VAL D 114 -5.95 11.54 -14.80
CA VAL D 114 -6.80 12.35 -13.91
C VAL D 114 -8.15 12.50 -14.59
N ARG D 115 -9.22 12.29 -13.83
CA ARG D 115 -10.57 12.26 -14.39
C ARG D 115 -11.57 12.76 -13.36
N PHE D 116 -12.61 13.44 -13.83
CA PHE D 116 -13.70 13.89 -12.98
C PHE D 116 -14.32 12.71 -12.20
N PRO D 117 -14.93 12.98 -11.04
CA PRO D 117 -15.53 11.95 -10.19
C PRO D 117 -16.60 11.14 -10.89
N GLU D 118 -16.83 9.91 -10.42
CA GLU D 118 -17.85 9.04 -11.02
C GLU D 118 -19.27 9.52 -10.76
N THR D 119 -19.50 10.18 -9.62
CA THR D 119 -20.78 10.82 -9.34
C THR D 119 -20.51 12.23 -8.84
N ILE D 120 -21.24 13.20 -9.39
CA ILE D 120 -21.13 14.61 -9.00
C ILE D 120 -22.51 15.18 -8.71
N GLN D 121 -22.71 15.67 -7.48
CA GLN D 121 -23.91 16.43 -7.15
C GLN D 121 -23.66 17.87 -7.61
N ALA D 122 -24.48 18.33 -8.54
CA ALA D 122 -24.26 19.64 -9.16
C ALA D 122 -25.40 20.58 -8.81
N ALA D 123 -25.05 21.71 -8.19
CA ALA D 123 -26.05 22.66 -7.71
C ALA D 123 -26.58 23.56 -8.82
N LYS D 124 -27.84 23.93 -8.71
CA LYS D 124 -28.44 24.87 -9.65
C LYS D 124 -27.60 26.13 -9.78
N ASP D 125 -27.35 26.52 -11.03
CA ASP D 125 -26.70 27.78 -11.40
C ASP D 125 -25.22 27.80 -11.06
N SER D 126 -24.69 26.68 -10.56
CA SER D 126 -23.27 26.60 -10.26
C SER D 126 -22.47 26.23 -11.50
N SER D 127 -21.18 26.53 -11.46
CA SER D 127 -20.27 26.13 -12.51
C SER D 127 -19.68 24.75 -12.21
N ILE D 128 -19.83 23.83 -13.16
CA ILE D 128 -19.24 22.50 -13.03
C ILE D 128 -18.07 22.35 -13.98
N LYS D 129 -16.91 22.00 -13.44
CA LYS D 129 -15.72 21.80 -14.27
C LYS D 129 -15.24 20.36 -14.20
N LEU D 130 -15.18 19.72 -15.36
CA LEU D 130 -14.76 18.33 -15.43
C LEU D 130 -13.35 18.27 -15.99
N GLU D 131 -12.45 17.58 -15.29
CA GLU D 131 -11.11 17.41 -15.81
C GLU D 131 -10.97 16.04 -16.46
N CYS D 132 -10.20 15.99 -17.53
CA CYS D 132 -9.80 14.70 -18.06
C CYS D 132 -8.49 14.81 -18.83
N PHE D 133 -7.49 14.05 -18.39
CA PHE D 133 -6.17 14.12 -19.01
C PHE D 133 -5.47 12.77 -18.99
N ALA D 134 -4.82 12.45 -20.11
CA ALA D 134 -4.26 11.14 -20.33
C ALA D 134 -2.79 11.19 -20.70
N LEU D 135 -2.06 10.17 -20.27
CA LEU D 135 -0.69 9.98 -20.70
C LEU D 135 -0.77 9.13 -21.95
N GLY D 136 0.17 9.31 -22.87
CA GLY D 136 0.11 8.51 -24.09
C GLY D 136 1.04 8.98 -25.17
N ASN D 137 1.47 8.03 -26.00
CA ASN D 137 2.37 8.31 -27.08
C ASN D 137 1.84 7.63 -28.35
N PRO D 138 1.40 8.41 -29.34
CA PRO D 138 1.38 9.88 -29.47
C PRO D 138 0.53 10.60 -28.41
N VAL D 139 0.75 11.91 -28.25
CA VAL D 139 -0.02 12.66 -27.28
C VAL D 139 -1.50 12.48 -27.58
N PRO D 140 -2.28 12.07 -26.56
CA PRO D 140 -3.71 11.83 -26.78
C PRO D 140 -4.53 13.09 -27.03
N ASP D 141 -5.65 12.88 -27.72
CA ASP D 141 -6.65 13.93 -27.88
C ASP D 141 -7.83 13.66 -26.98
N ILE D 142 -8.24 14.67 -26.22
CA ILE D 142 -9.38 14.53 -25.32
C ILE D 142 -10.66 15.02 -26.01
N SER D 143 -11.71 14.22 -25.97
CA SER D 143 -12.99 14.68 -26.47
C SER D 143 -14.07 14.28 -25.48
N TRP D 144 -15.25 14.86 -25.64
CA TRP D 144 -16.33 14.64 -24.68
C TRP D 144 -17.64 14.34 -25.38
N LYS D 145 -18.47 13.55 -24.70
CA LYS D 145 -19.83 13.36 -25.21
C LYS D 145 -20.79 13.00 -24.08
N ARG D 146 -22.07 13.31 -24.28
CA ARG D 146 -23.12 12.86 -23.37
C ARG D 146 -23.55 11.45 -23.78
N LEU D 147 -23.69 10.57 -22.80
CA LEU D 147 -23.99 9.17 -23.11
C LEU D 147 -25.45 8.94 -23.53
N ASP D 148 -26.29 9.97 -23.45
CA ASP D 148 -27.65 9.82 -23.98
C ASP D 148 -27.72 10.22 -25.45
N GLY D 149 -26.56 10.48 -26.05
CA GLY D 149 -26.48 10.84 -27.45
C GLY D 149 -26.85 12.26 -27.80
N SER D 150 -27.27 13.05 -26.81
CA SER D 150 -27.75 14.41 -27.07
C SER D 150 -26.56 15.36 -27.20
N PRO D 151 -26.75 16.50 -27.87
CA PRO D 151 -25.58 17.36 -28.06
C PRO D 151 -25.23 18.15 -26.81
N MET D 152 -23.98 18.60 -26.72
CA MET D 152 -23.59 19.50 -25.62
C MET D 152 -24.40 20.78 -25.70
N PRO D 153 -24.78 21.32 -24.53
CA PRO D 153 -25.34 22.67 -24.51
C PRO D 153 -24.34 23.65 -25.12
N GLY D 154 -24.84 24.67 -25.82
CA GLY D 154 -24.00 25.64 -26.48
C GLY D 154 -23.17 26.46 -25.52
N LYS D 155 -23.67 26.56 -24.28
CA LYS D 155 -22.98 27.27 -23.21
C LYS D 155 -21.73 26.55 -22.66
N ILE D 156 -21.51 25.30 -23.06
CA ILE D 156 -20.36 24.54 -22.56
C ILE D 156 -19.07 25.23 -22.98
N LYS D 157 -18.08 25.27 -22.08
CA LYS D 157 -16.78 25.87 -22.40
C LYS D 157 -15.62 24.87 -22.21
N TYR D 158 -14.85 24.67 -23.28
CA TYR D 158 -13.69 23.80 -23.23
C TYR D 158 -12.44 24.63 -23.04
N SER D 159 -11.49 24.14 -22.25
CA SER D 159 -10.24 24.85 -22.04
C SER D 159 -9.11 23.87 -21.81
N LYS D 160 -7.88 24.38 -21.79
CA LYS D 160 -6.68 23.53 -21.63
C LYS D 160 -6.71 22.31 -22.55
N SER D 161 -6.94 22.53 -23.84
CA SER D 161 -6.94 21.47 -24.86
C SER D 161 -8.08 20.46 -24.70
N GLN D 162 -9.24 20.97 -24.31
CA GLN D 162 -10.43 20.15 -24.01
C GLN D 162 -10.20 19.24 -22.79
N ALA D 163 -9.06 19.39 -22.10
CA ALA D 163 -8.82 18.63 -20.87
C ALA D 163 -9.77 19.08 -19.76
N ILE D 164 -10.33 20.27 -19.93
CA ILE D 164 -11.38 20.74 -19.04
C ILE D 164 -12.67 21.04 -19.79
N LEU D 165 -13.76 20.47 -19.31
CA LEU D 165 -15.11 20.79 -19.80
C LEU D 165 -15.83 21.60 -18.72
N GLU D 166 -16.25 22.82 -19.04
CA GLU D 166 -17.01 23.59 -18.08
C GLU D 166 -18.48 23.70 -18.46
N ILE D 167 -19.36 23.39 -17.52
CA ILE D 167 -20.79 23.64 -17.68
C ILE D 167 -21.23 24.78 -16.77
N PRO D 168 -21.39 25.98 -17.34
CA PRO D 168 -21.78 27.14 -16.53
C PRO D 168 -23.24 27.06 -16.15
N LYS D 169 -23.63 27.78 -15.09
CA LYS D 169 -25.02 27.92 -14.68
C LYS D 169 -25.81 26.62 -14.81
N PHE D 170 -25.35 25.59 -14.10
CA PHE D 170 -25.94 24.25 -14.22
C PHE D 170 -27.47 24.25 -14.07
N GLN D 171 -28.14 23.69 -15.07
CA GLN D 171 -29.60 23.53 -15.05
C GLN D 171 -29.96 22.06 -15.03
N GLN D 172 -31.21 21.76 -14.72
CA GLN D 172 -31.72 20.40 -14.65
C GLN D 172 -31.35 19.60 -15.88
N GLU D 173 -31.55 20.19 -17.05
CA GLU D 173 -31.35 19.48 -18.31
C GLU D 173 -29.88 19.18 -18.62
N ASP D 174 -28.96 19.67 -17.80
CA ASP D 174 -27.54 19.42 -18.03
C ASP D 174 -27.12 18.12 -17.37
N GLU D 175 -27.97 17.56 -16.51
CA GLU D 175 -27.58 16.38 -15.73
C GLU D 175 -27.56 15.15 -16.62
N GLY D 176 -26.92 14.10 -16.13
CA GLY D 176 -26.84 12.84 -16.86
C GLY D 176 -25.42 12.33 -16.90
N PHE D 177 -25.20 11.24 -17.65
CA PHE D 177 -23.85 10.69 -17.79
C PHE D 177 -23.07 11.42 -18.87
N TYR D 178 -21.85 11.79 -18.50
CA TYR D 178 -20.89 12.41 -19.39
C TYR D 178 -19.72 11.45 -19.51
N GLU D 179 -19.08 11.47 -20.68
CA GLU D 179 -17.95 10.61 -20.92
C GLU D 179 -16.81 11.42 -21.55
N CYS D 180 -15.62 11.29 -21.00
CA CYS D 180 -14.44 11.81 -21.67
C CYS D 180 -13.75 10.67 -22.42
N ILE D 181 -13.27 10.97 -23.63
CA ILE D 181 -12.55 10.01 -24.46
C ILE D 181 -11.11 10.48 -24.69
N ALA D 182 -10.12 9.59 -24.46
CA ALA D 182 -8.73 9.94 -24.75
C ALA D 182 -8.20 8.98 -25.79
N GLY D 183 -7.86 9.49 -26.98
CA GLY D 183 -7.51 8.62 -28.08
C GLY D 183 -6.23 9.01 -28.77
N ASN D 184 -5.51 8.02 -29.30
CA ASN D 184 -4.42 8.28 -30.24
C ASN D 184 -4.38 7.17 -31.29
N LEU D 185 -3.36 7.17 -32.14
CA LEU D 185 -3.25 6.17 -33.21
C LEU D 185 -3.32 4.73 -32.68
N ARG D 186 -2.92 4.53 -31.43
CA ARG D 186 -2.80 3.17 -30.87
C ARG D 186 -4.06 2.68 -30.16
N GLY D 187 -5.02 3.56 -29.92
CA GLY D 187 -6.22 3.14 -29.23
C GLY D 187 -6.84 4.27 -28.42
N ARG D 188 -7.79 3.92 -27.57
CA ARG D 188 -8.41 4.93 -26.73
C ARG D 188 -9.01 4.33 -25.49
N ASN D 189 -9.19 5.18 -24.49
CA ASN D 189 -9.85 4.77 -23.26
C ASN D 189 -10.81 5.84 -22.81
N LEU D 190 -11.69 5.47 -21.89
CA LEU D 190 -12.84 6.26 -21.50
C LEU D 190 -12.89 6.52 -20.01
N ALA D 191 -13.49 7.63 -19.62
CA ALA D 191 -13.83 7.85 -18.22
C ALA D 191 -15.24 8.43 -18.19
N LYS D 192 -16.15 7.75 -17.51
CA LYS D 192 -17.50 8.26 -17.46
C LYS D 192 -17.93 8.56 -16.02
N GLY D 193 -18.93 9.43 -15.90
CA GLY D 193 -19.45 9.80 -14.61
C GLY D 193 -20.83 10.41 -14.74
N GLN D 194 -21.54 10.47 -13.62
CA GLN D 194 -22.92 10.91 -13.57
C GLN D 194 -23.04 12.27 -12.87
N LEU D 195 -23.48 13.28 -13.61
CA LEU D 195 -23.78 14.58 -13.02
C LEU D 195 -25.24 14.57 -12.58
N ILE D 196 -25.46 14.89 -11.30
CA ILE D 196 -26.77 14.80 -10.70
C ILE D 196 -27.20 16.17 -10.19
N PHE D 197 -28.35 16.65 -10.69
CA PHE D 197 -28.85 17.97 -10.33
C PHE D 197 -29.44 18.01 -8.92
N TYR D 198 -29.15 19.09 -8.20
CA TYR D 198 -29.91 19.42 -6.99
C TYR D 198 -30.02 20.93 -6.85
N ALA D 199 -30.96 21.38 -6.02
CA ALA D 199 -31.14 22.80 -5.75
C ALA D 199 -30.72 23.15 -4.31
#